data_2D3S
#
_entry.id   2D3S
#
_cell.length_a   157.866
_cell.length_b   91.897
_cell.length_c   73.503
_cell.angle_alpha   90.00
_cell.angle_beta   90.00
_cell.angle_gamma   90.00
#
_symmetry.space_group_name_H-M   'P 21 21 2'
#
loop_
_entity.id
_entity.type
_entity.pdbx_description
1 polymer 'Basic agglutinin'
2 branched alpha-L-fucopyranose-(1-3)-[2-acetamido-2-deoxy-beta-D-glucopyranose-(1-4)]2-acetamido-2-deoxy-beta-D-glucopyranose
3 branched alpha-L-fucopyranose-(1-3)-2-acetamido-2-deoxy-beta-D-glucopyranose
4 branched beta-D-mannopyranose-(1-4)-2-acetamido-2-deoxy-beta-D-glucopyranose-(1-4)-[alpha-L-fucopyranose-(1-3)]2-acetamido-2-deoxy-beta-D-glucopyranose
5 non-polymer 'CALCIUM ION'
6 non-polymer 'MANGANESE (II) ION'
7 non-polymer SERINE
8 non-polymer 2-acetamido-2-deoxy-alpha-D-galactopyranose
9 non-polymer 2-acetamido-2-deoxy-beta-D-glucopyranose
10 water water
#
_entity_poly.entity_id   1
_entity_poly.type   'polypeptide(L)'
_entity_poly.pdbx_seq_one_letter_code
;MKTISFNFNQFHQNEEQLKLQRDARISSNSVLELTKVVNGVPTWNSTGRALYAKPVQVWDSTTGNVASFETRFSFSIRQP
FPRPHPADGLVFFIAPPNTQTGEGGGYFGIYNPLSPYPFVAVEFDTFRNTWDPQIPHIGIDVNSVISTKTVPFTLDNGGI
ANVVIKYDASTKILHVVLVFPSLGTIYTIADIVDLKQVLPESVNVGFSAATGDPSGKQRNATETHDILSWSFSASLPGTN
EF
;
_entity_poly.pdbx_strand_id   A,B,C,D
#
# COMPACT_ATOMS: atom_id res chain seq x y z
N LYS A 2 20.39 0.43 -3.89
CA LYS A 2 21.34 -0.66 -3.55
C LYS A 2 20.76 -2.01 -3.95
N THR A 3 21.39 -2.66 -4.91
CA THR A 3 20.94 -3.95 -5.39
C THR A 3 22.00 -5.01 -5.14
N ILE A 4 21.58 -6.26 -5.03
CA ILE A 4 22.51 -7.35 -4.84
C ILE A 4 21.92 -8.54 -5.57
N SER A 5 22.77 -9.28 -6.27
CA SER A 5 22.29 -10.43 -6.99
C SER A 5 23.37 -11.46 -7.22
N PHE A 6 22.95 -12.71 -7.29
CA PHE A 6 23.87 -13.79 -7.55
C PHE A 6 23.14 -14.88 -8.31
N ASN A 7 23.91 -15.67 -9.04
CA ASN A 7 23.35 -16.73 -9.84
C ASN A 7 24.27 -17.94 -9.78
N PHE A 8 23.67 -19.12 -9.69
CA PHE A 8 24.41 -20.37 -9.64
C PHE A 8 23.78 -21.28 -10.68
N ASN A 9 24.43 -21.43 -11.83
CA ASN A 9 23.93 -22.32 -12.87
C ASN A 9 24.11 -23.75 -12.42
N GLN A 10 25.10 -23.95 -11.56
CA GLN A 10 25.42 -25.25 -11.00
C GLN A 10 26.19 -24.96 -9.73
N PHE A 11 26.55 -26.01 -9.01
CA PHE A 11 27.30 -25.83 -7.79
C PHE A 11 28.64 -26.56 -7.86
N HIS A 12 29.71 -25.84 -7.57
CA HIS A 12 31.05 -26.42 -7.59
C HIS A 12 31.47 -26.79 -6.18
N GLN A 13 32.25 -27.85 -6.06
CA GLN A 13 32.73 -28.27 -4.76
C GLN A 13 33.61 -27.15 -4.22
N ASN A 14 33.44 -26.82 -2.95
CA ASN A 14 34.21 -25.77 -2.30
C ASN A 14 33.90 -24.40 -2.93
N GLU A 15 32.64 -24.04 -2.87
CA GLU A 15 32.15 -22.76 -3.38
C GLU A 15 32.31 -21.75 -2.24
N GLU A 16 33.16 -20.74 -2.45
CA GLU A 16 33.42 -19.73 -1.44
C GLU A 16 32.21 -18.85 -1.14
N GLN A 17 31.23 -18.86 -2.05
CA GLN A 17 30.01 -18.07 -1.91
C GLN A 17 28.93 -18.76 -1.08
N LEU A 18 29.11 -20.06 -0.84
CA LEU A 18 28.14 -20.82 -0.05
C LEU A 18 28.71 -21.23 1.29
N LYS A 19 27.83 -21.36 2.27
CA LYS A 19 28.19 -21.76 3.62
C LYS A 19 27.38 -23.04 3.84
N LEU A 20 28.08 -24.17 3.93
CA LEU A 20 27.44 -25.46 4.13
C LEU A 20 27.40 -25.85 5.61
N GLN A 21 26.28 -26.38 6.05
CA GLN A 21 26.13 -26.77 7.45
C GLN A 21 25.56 -28.18 7.57
N ARG A 22 25.97 -28.86 8.63
CA ARG A 22 25.54 -30.22 8.90
C ARG A 22 25.82 -31.11 7.71
N ASP A 23 24.83 -31.91 7.30
CA ASP A 23 25.02 -32.85 6.19
C ASP A 23 25.07 -32.29 4.76
N ALA A 24 24.78 -31.00 4.58
CA ALA A 24 24.80 -30.42 3.24
C ALA A 24 26.11 -30.72 2.53
N ARG A 25 26.02 -31.05 1.24
CA ARG A 25 27.21 -31.36 0.47
C ARG A 25 26.98 -31.11 -1.02
N ILE A 26 28.05 -30.76 -1.72
CA ILE A 26 27.99 -30.51 -3.16
C ILE A 26 28.59 -31.73 -3.86
N SER A 27 27.80 -32.37 -4.72
CA SER A 27 28.29 -33.55 -5.43
C SER A 27 29.25 -33.19 -6.56
N SER A 28 29.89 -34.21 -7.12
CA SER A 28 30.84 -34.00 -8.20
C SER A 28 30.10 -33.59 -9.47
N ASN A 29 28.82 -33.92 -9.55
CA ASN A 29 27.99 -33.58 -10.70
C ASN A 29 27.26 -32.25 -10.54
N SER A 30 27.80 -31.38 -9.69
CA SER A 30 27.24 -30.05 -9.50
C SER A 30 25.89 -29.86 -8.82
N VAL A 31 25.46 -30.81 -7.99
CA VAL A 31 24.18 -30.64 -7.30
C VAL A 31 24.38 -30.39 -5.80
N LEU A 32 23.55 -29.51 -5.24
CA LEU A 32 23.64 -29.23 -3.82
C LEU A 32 22.70 -30.25 -3.15
N GLU A 33 23.29 -31.20 -2.44
CA GLU A 33 22.50 -32.22 -1.76
C GLU A 33 22.39 -31.76 -0.31
N LEU A 34 21.21 -31.28 0.07
CA LEU A 34 21.00 -30.79 1.42
C LEU A 34 21.07 -31.91 2.46
N THR A 35 20.49 -33.04 2.12
CA THR A 35 20.51 -34.18 3.02
C THR A 35 21.31 -35.36 2.47
N LYS A 36 21.84 -36.14 3.40
CA LYS A 36 22.67 -37.31 3.14
C LYS A 36 22.19 -38.34 2.13
N VAL A 37 23.05 -38.66 1.18
CA VAL A 37 22.74 -39.67 0.17
C VAL A 37 23.98 -40.53 -0.03
N VAL A 38 23.92 -41.78 0.43
CA VAL A 38 25.06 -42.70 0.30
C VAL A 38 24.83 -43.78 -0.75
N ASN A 39 25.79 -43.91 -1.66
CA ASN A 39 25.70 -44.90 -2.72
C ASN A 39 24.35 -44.80 -3.44
N GLY A 40 23.97 -43.58 -3.78
CA GLY A 40 22.71 -43.37 -4.49
C GLY A 40 21.45 -43.60 -3.69
N VAL A 41 21.57 -43.84 -2.38
CA VAL A 41 20.40 -44.06 -1.55
C VAL A 41 20.31 -43.03 -0.43
N PRO A 42 19.15 -42.39 -0.27
CA PRO A 42 19.01 -41.38 0.81
C PRO A 42 18.86 -42.06 2.17
N THR A 43 19.34 -41.41 3.22
CA THR A 43 19.25 -41.96 4.56
C THR A 43 18.40 -41.08 5.49
N TRP A 44 17.95 -41.68 6.59
CA TRP A 44 17.14 -40.96 7.56
C TRP A 44 18.08 -40.22 8.51
N ASN A 45 17.50 -39.56 9.51
CA ASN A 45 18.28 -38.86 10.51
C ASN A 45 19.33 -37.95 9.85
N SER A 46 18.90 -37.17 8.86
CA SER A 46 19.79 -36.24 8.19
C SER A 46 19.19 -34.85 8.12
N THR A 47 20.06 -33.86 8.26
CA THR A 47 19.67 -32.46 8.24
C THR A 47 20.83 -31.72 7.61
N GLY A 48 20.53 -30.76 6.74
CA GLY A 48 21.58 -30.00 6.09
C GLY A 48 21.07 -28.65 5.61
N ARG A 49 21.95 -27.66 5.64
CA ARG A 49 21.60 -26.31 5.22
C ARG A 49 22.70 -25.74 4.35
N ALA A 50 22.36 -24.73 3.57
CA ALA A 50 23.32 -24.05 2.71
C ALA A 50 22.85 -22.62 2.68
N LEU A 51 23.72 -21.70 3.06
CA LEU A 51 23.38 -20.28 3.07
C LEU A 51 24.34 -19.52 2.19
N TYR A 52 23.86 -18.42 1.62
CA TYR A 52 24.70 -17.57 0.80
C TYR A 52 25.67 -16.92 1.80
N ALA A 53 26.96 -17.07 1.54
CA ALA A 53 28.01 -16.57 2.43
C ALA A 53 27.87 -15.15 2.99
N LYS A 54 27.40 -14.21 2.17
CA LYS A 54 27.27 -12.83 2.62
C LYS A 54 25.87 -12.45 3.06
N PRO A 55 25.76 -11.64 4.12
CA PRO A 55 24.45 -11.20 4.63
C PRO A 55 23.81 -10.21 3.67
N VAL A 56 22.48 -10.23 3.59
CA VAL A 56 21.80 -9.28 2.72
C VAL A 56 20.92 -8.39 3.58
N GLN A 57 20.86 -7.12 3.23
CA GLN A 57 20.05 -6.18 4.00
C GLN A 57 18.61 -6.15 3.47
N VAL A 58 17.65 -6.61 4.25
CA VAL A 58 16.25 -6.60 3.78
C VAL A 58 15.48 -5.31 4.11
N TRP A 59 15.99 -4.54 5.06
CA TRP A 59 15.36 -3.26 5.36
C TRP A 59 16.35 -2.36 6.06
N ASP A 60 16.05 -1.06 6.06
CA ASP A 60 16.91 -0.05 6.67
C ASP A 60 16.12 0.77 7.69
N SER A 61 16.59 0.74 8.93
CA SER A 61 15.92 1.47 10.00
C SER A 61 16.05 2.99 9.86
N THR A 62 17.06 3.43 9.12
CA THR A 62 17.26 4.87 8.94
C THR A 62 16.15 5.48 8.08
N THR A 63 15.71 4.76 7.07
CA THR A 63 14.67 5.25 6.17
C THR A 63 13.36 4.51 6.33
N GLY A 64 13.40 3.36 6.99
CA GLY A 64 12.20 2.57 7.17
C GLY A 64 11.86 1.78 5.93
N ASN A 65 12.64 1.96 4.86
CA ASN A 65 12.41 1.24 3.61
C ASN A 65 12.69 -0.25 3.70
N VAL A 66 11.93 -1.04 2.93
CA VAL A 66 12.06 -2.49 2.92
C VAL A 66 12.43 -2.98 1.52
N ALA A 67 13.23 -4.03 1.46
CA ALA A 67 13.65 -4.57 0.19
C ALA A 67 12.62 -5.42 -0.52
N SER A 68 12.69 -5.41 -1.85
CA SER A 68 11.84 -6.25 -2.66
C SER A 68 12.87 -7.24 -3.17
N PHE A 69 12.45 -8.46 -3.44
CA PHE A 69 13.42 -9.42 -3.93
C PHE A 69 12.74 -10.49 -4.75
N GLU A 70 13.56 -11.24 -5.47
CA GLU A 70 13.08 -12.32 -6.29
C GLU A 70 14.13 -13.41 -6.25
N THR A 71 13.69 -14.65 -6.17
CA THR A 71 14.63 -15.76 -6.17
C THR A 71 14.03 -16.91 -6.97
N ARG A 72 14.86 -17.58 -7.75
CA ARG A 72 14.43 -18.70 -8.56
C ARG A 72 15.38 -19.86 -8.35
N PHE A 73 14.84 -21.05 -8.28
CA PHE A 73 15.67 -22.23 -8.10
C PHE A 73 14.96 -23.45 -8.58
N SER A 74 15.75 -24.49 -8.84
CA SER A 74 15.23 -25.77 -9.29
C SER A 74 15.62 -26.79 -8.25
N PHE A 75 14.71 -27.68 -7.91
CA PHE A 75 15.04 -28.68 -6.92
C PHE A 75 14.52 -30.02 -7.38
N SER A 76 15.00 -31.08 -6.74
CA SER A 76 14.52 -32.40 -7.08
C SER A 76 14.40 -33.21 -5.82
N ILE A 77 13.23 -33.81 -5.62
CA ILE A 77 12.98 -34.65 -4.48
C ILE A 77 12.69 -36.04 -5.00
N ARG A 78 13.60 -36.98 -4.75
CA ARG A 78 13.42 -38.36 -5.18
C ARG A 78 12.99 -39.18 -3.98
N GLN A 79 11.88 -39.90 -4.10
CA GLN A 79 11.38 -40.73 -3.01
C GLN A 79 11.42 -42.21 -3.41
N PRO A 80 12.54 -42.87 -3.10
CA PRO A 80 12.80 -44.30 -3.39
C PRO A 80 11.89 -45.28 -2.67
N PHE A 81 11.63 -45.02 -1.39
CA PHE A 81 10.80 -45.89 -0.56
C PHE A 81 9.47 -45.19 -0.29
N PRO A 82 8.43 -45.57 -1.04
CA PRO A 82 7.11 -44.95 -0.85
C PRO A 82 6.32 -45.46 0.34
N ARG A 83 6.17 -46.77 0.41
CA ARG A 83 5.39 -47.44 1.44
C ARG A 83 5.22 -46.82 2.83
N PRO A 84 6.28 -46.78 3.66
CA PRO A 84 6.01 -46.16 4.96
C PRO A 84 5.53 -44.72 4.75
N HIS A 85 6.49 -43.81 4.58
CA HIS A 85 6.19 -42.41 4.33
C HIS A 85 7.46 -41.57 4.17
N PRO A 86 7.60 -40.89 3.01
CA PRO A 86 8.79 -40.06 2.78
C PRO A 86 8.80 -38.90 3.77
N ALA A 87 10.00 -38.39 4.05
CA ALA A 87 10.14 -37.26 4.99
C ALA A 87 11.51 -36.64 4.80
N ASP A 88 11.67 -35.35 5.13
CA ASP A 88 10.60 -34.50 5.66
C ASP A 88 10.21 -33.37 4.70
N GLY A 89 11.18 -32.89 3.94
CA GLY A 89 10.92 -31.82 3.00
C GLY A 89 12.05 -30.82 3.04
N LEU A 90 11.89 -29.73 2.30
CA LEU A 90 12.92 -28.71 2.23
C LEU A 90 12.27 -27.33 2.22
N VAL A 91 13.08 -26.33 2.52
CA VAL A 91 12.59 -24.95 2.55
C VAL A 91 13.62 -23.97 2.07
N PHE A 92 13.14 -22.83 1.60
CA PHE A 92 13.99 -21.72 1.23
C PHE A 92 13.68 -20.86 2.46
N PHE A 93 14.69 -20.26 3.07
CA PHE A 93 14.38 -19.45 4.23
C PHE A 93 15.24 -18.21 4.42
N ILE A 94 14.72 -17.31 5.24
CA ILE A 94 15.39 -16.05 5.54
C ILE A 94 15.46 -16.00 7.08
N ALA A 95 16.66 -15.80 7.61
CA ALA A 95 16.84 -15.76 9.05
C ALA A 95 17.93 -14.78 9.46
N PRO A 96 18.10 -14.56 10.78
CA PRO A 96 19.14 -13.63 11.22
C PRO A 96 20.49 -14.23 10.84
N PRO A 97 21.52 -13.39 10.68
CA PRO A 97 22.80 -13.98 10.30
C PRO A 97 23.47 -14.79 11.39
N ASN A 98 24.29 -15.76 10.98
CA ASN A 98 25.02 -16.61 11.90
C ASN A 98 24.18 -17.48 12.82
N THR A 99 23.15 -18.12 12.28
CA THR A 99 22.32 -19.00 13.10
C THR A 99 22.86 -20.43 12.90
N GLN A 100 22.49 -21.33 13.81
CA GLN A 100 22.94 -22.71 13.69
C GLN A 100 21.75 -23.57 13.33
N THR A 101 22.03 -24.74 12.75
CA THR A 101 20.97 -25.66 12.38
C THR A 101 20.13 -25.99 13.61
N GLY A 102 18.81 -25.91 13.44
CA GLY A 102 17.91 -26.21 14.52
C GLY A 102 17.51 -27.67 14.48
N GLU A 103 16.33 -27.99 14.98
CA GLU A 103 15.81 -29.35 15.03
C GLU A 103 15.52 -29.92 13.63
N GLY A 104 15.91 -31.17 13.42
CA GLY A 104 15.66 -31.82 12.13
C GLY A 104 14.22 -32.25 12.07
N GLY A 105 13.94 -33.34 11.35
CA GLY A 105 12.59 -33.82 11.24
C GLY A 105 11.62 -32.77 10.71
N GLY A 106 10.40 -32.78 11.25
CA GLY A 106 9.38 -31.84 10.82
C GLY A 106 9.72 -30.37 11.00
N TYR A 107 10.88 -30.08 11.58
CA TYR A 107 11.29 -28.70 11.77
C TYR A 107 12.30 -28.23 10.71
N PHE A 108 12.56 -29.11 9.75
CA PHE A 108 13.44 -28.84 8.63
C PHE A 108 14.84 -28.37 8.94
N GLY A 109 15.17 -28.23 10.22
CA GLY A 109 16.49 -27.78 10.60
C GLY A 109 16.55 -26.28 10.77
N ILE A 110 15.40 -25.62 10.78
CA ILE A 110 15.38 -24.16 10.92
C ILE A 110 14.75 -23.66 12.22
N TYR A 111 14.11 -24.55 12.95
CA TYR A 111 13.49 -24.16 14.21
C TYR A 111 14.24 -24.74 15.41
N ASN A 112 14.65 -23.86 16.32
CA ASN A 112 15.37 -24.27 17.52
C ASN A 112 14.56 -23.87 18.75
N PRO A 113 13.88 -24.85 19.37
CA PRO A 113 13.05 -24.65 20.57
C PRO A 113 13.68 -23.98 21.79
N LEU A 114 14.94 -24.27 22.08
CA LEU A 114 15.58 -23.69 23.25
C LEU A 114 16.22 -22.31 23.03
N SER A 115 15.97 -21.73 21.86
CA SER A 115 16.48 -20.40 21.53
C SER A 115 15.98 -20.06 20.12
N PRO A 116 14.66 -19.95 19.97
CA PRO A 116 14.07 -19.63 18.67
C PRO A 116 14.56 -18.32 18.09
N TYR A 117 14.81 -18.32 16.78
CA TYR A 117 15.22 -17.11 16.10
C TYR A 117 14.16 -16.88 15.03
N PRO A 118 13.81 -15.62 14.77
CA PRO A 118 12.78 -15.38 13.75
C PRO A 118 13.19 -15.86 12.35
N PHE A 119 12.18 -16.07 11.50
CA PHE A 119 12.43 -16.50 10.14
C PHE A 119 11.17 -16.49 9.31
N VAL A 120 11.36 -16.34 8.00
CA VAL A 120 10.28 -16.38 7.03
C VAL A 120 10.74 -17.52 6.12
N ALA A 121 9.89 -18.52 5.91
CA ALA A 121 10.30 -19.62 5.07
C ALA A 121 9.19 -20.10 4.16
N VAL A 122 9.59 -20.67 3.02
CA VAL A 122 8.65 -21.25 2.07
C VAL A 122 9.02 -22.72 2.05
N GLU A 123 8.12 -23.55 2.55
CA GLU A 123 8.35 -24.97 2.65
C GLU A 123 7.68 -25.81 1.57
N PHE A 124 8.31 -26.95 1.31
CA PHE A 124 7.82 -27.92 0.36
C PHE A 124 7.84 -29.14 1.27
N ASP A 125 6.71 -29.31 1.96
CA ASP A 125 6.49 -30.33 2.95
C ASP A 125 6.01 -31.68 2.45
N THR A 126 6.78 -32.74 2.73
CA THR A 126 6.42 -34.08 2.27
C THR A 126 5.92 -35.05 3.33
N PHE A 127 5.95 -34.64 4.60
CA PHE A 127 5.51 -35.51 5.68
C PHE A 127 4.45 -34.83 6.55
N ARG A 128 3.37 -35.53 6.84
CA ARG A 128 2.33 -34.92 7.65
C ARG A 128 2.57 -34.98 9.16
N ASN A 129 3.01 -33.87 9.74
CA ASN A 129 3.23 -33.80 11.18
C ASN A 129 1.88 -33.53 11.82
N THR A 130 1.78 -33.65 13.13
CA THR A 130 0.50 -33.42 13.80
C THR A 130 -0.13 -32.08 13.38
N TRP A 131 0.72 -31.10 13.12
CA TRP A 131 0.28 -29.76 12.74
C TRP A 131 0.11 -29.48 11.24
N ASP A 132 0.15 -30.50 10.39
CA ASP A 132 0.00 -30.26 8.95
C ASP A 132 -1.27 -30.75 8.34
N PRO A 133 -1.62 -30.18 7.17
CA PRO A 133 -2.80 -30.56 6.41
C PRO A 133 -2.22 -31.63 5.48
N GLN A 134 -3.01 -32.12 4.53
CA GLN A 134 -2.54 -33.15 3.62
C GLN A 134 -1.21 -32.80 2.93
N ILE A 135 -0.30 -33.76 2.86
CA ILE A 135 0.96 -33.54 2.18
C ILE A 135 0.91 -34.24 0.83
N PRO A 136 1.74 -33.82 -0.13
CA PRO A 136 2.71 -32.72 -0.02
C PRO A 136 1.99 -31.39 -0.14
N HIS A 137 2.61 -30.33 0.39
CA HIS A 137 2.02 -29.01 0.26
C HIS A 137 3.09 -27.94 0.35
N ILE A 138 2.78 -26.79 -0.24
CA ILE A 138 3.67 -25.63 -0.20
C ILE A 138 3.13 -24.84 0.97
N GLY A 139 4.00 -24.18 1.71
CA GLY A 139 3.51 -23.42 2.83
C GLY A 139 4.36 -22.21 3.10
N ILE A 140 3.72 -21.17 3.60
CA ILE A 140 4.40 -19.94 3.95
C ILE A 140 4.51 -19.96 5.47
N ASP A 141 5.74 -19.95 5.96
CA ASP A 141 6.01 -20.01 7.39
C ASP A 141 6.62 -18.75 7.95
N VAL A 142 6.04 -18.26 9.04
CA VAL A 142 6.55 -17.06 9.68
C VAL A 142 6.83 -17.35 11.15
N ASN A 143 8.10 -17.58 11.49
CA ASN A 143 8.52 -17.87 12.86
C ASN A 143 8.10 -19.23 13.37
N SER A 144 7.18 -19.85 12.65
CA SER A 144 6.67 -21.16 13.03
C SER A 144 6.51 -22.05 11.81
N VAL A 145 6.63 -23.36 12.03
CA VAL A 145 6.48 -24.35 10.98
C VAL A 145 4.99 -24.61 10.77
N ILE A 146 4.16 -23.92 11.55
CA ILE A 146 2.72 -24.03 11.41
C ILE A 146 2.40 -22.91 10.42
N SER A 147 2.36 -23.29 9.16
CA SER A 147 2.12 -22.36 8.05
C SER A 147 0.91 -21.45 8.16
N THR A 148 1.10 -20.20 7.74
CA THR A 148 0.03 -19.21 7.75
C THR A 148 -0.90 -19.54 6.61
N LYS A 149 -0.33 -20.03 5.51
CA LYS A 149 -1.09 -20.38 4.32
C LYS A 149 -0.52 -21.66 3.73
N THR A 150 -1.38 -22.48 3.14
CA THR A 150 -0.94 -23.74 2.57
C THR A 150 -1.66 -24.11 1.28
N VAL A 151 -0.97 -24.82 0.39
CA VAL A 151 -1.57 -25.29 -0.84
C VAL A 151 -0.97 -26.66 -1.14
N PRO A 152 -1.81 -27.65 -1.43
CA PRO A 152 -1.31 -28.99 -1.73
C PRO A 152 -0.80 -29.09 -3.16
N PHE A 153 0.04 -30.08 -3.43
CA PHE A 153 0.57 -30.26 -4.78
C PHE A 153 1.02 -31.70 -4.98
N THR A 154 1.09 -32.13 -6.24
CA THR A 154 1.53 -33.48 -6.55
C THR A 154 2.98 -33.42 -7.03
N LEU A 155 3.83 -34.17 -6.36
CA LEU A 155 5.25 -34.22 -6.65
C LEU A 155 5.66 -35.06 -7.86
N ASP A 156 6.62 -34.55 -8.62
CA ASP A 156 7.13 -35.31 -9.75
C ASP A 156 8.33 -36.03 -9.12
N ASN A 157 8.10 -37.26 -8.69
CA ASN A 157 9.13 -38.06 -8.03
C ASN A 157 10.41 -38.17 -8.86
N GLY A 158 11.50 -37.61 -8.34
CA GLY A 158 12.77 -37.66 -9.04
C GLY A 158 12.84 -36.60 -10.13
N GLY A 159 11.70 -36.00 -10.46
CA GLY A 159 11.65 -34.99 -11.49
C GLY A 159 12.17 -33.65 -11.00
N ILE A 160 12.23 -32.70 -11.91
CA ILE A 160 12.71 -31.34 -11.63
C ILE A 160 11.56 -30.38 -11.39
N ALA A 161 11.70 -29.55 -10.36
CA ALA A 161 10.67 -28.56 -10.04
C ALA A 161 11.31 -27.18 -10.11
N ASN A 162 10.58 -26.22 -10.68
CA ASN A 162 11.07 -24.86 -10.78
C ASN A 162 10.21 -24.01 -9.85
N VAL A 163 10.88 -23.17 -9.09
CA VAL A 163 10.22 -22.31 -8.13
C VAL A 163 10.60 -20.85 -8.33
N VAL A 164 9.62 -19.98 -8.15
CA VAL A 164 9.81 -18.56 -8.25
C VAL A 164 9.17 -17.98 -7.00
N ILE A 165 9.98 -17.28 -6.21
CA ILE A 165 9.52 -16.64 -4.99
C ILE A 165 9.76 -15.15 -5.20
N LYS A 166 8.71 -14.36 -5.04
CA LYS A 166 8.84 -12.93 -5.25
C LYS A 166 8.21 -12.20 -4.07
N TYR A 167 8.89 -11.15 -3.61
CA TYR A 167 8.37 -10.36 -2.50
C TYR A 167 8.30 -8.91 -2.92
N ASP A 168 7.12 -8.33 -2.85
CA ASP A 168 6.96 -6.92 -3.25
C ASP A 168 6.76 -6.10 -1.97
N ALA A 169 7.73 -5.25 -1.68
CA ALA A 169 7.70 -4.43 -0.48
C ALA A 169 6.51 -3.47 -0.40
N SER A 170 6.19 -2.83 -1.52
CA SER A 170 5.07 -1.88 -1.55
C SER A 170 3.74 -2.53 -1.17
N THR A 171 3.57 -3.82 -1.46
CA THR A 171 2.33 -4.48 -1.10
C THR A 171 2.48 -5.51 -0.01
N LYS A 172 3.72 -5.82 0.35
CA LYS A 172 4.00 -6.82 1.37
C LYS A 172 3.54 -8.19 0.94
N ILE A 173 3.42 -8.41 -0.38
CA ILE A 173 2.99 -9.71 -0.87
C ILE A 173 4.15 -10.64 -1.18
N LEU A 174 4.08 -11.84 -0.61
CA LEU A 174 5.08 -12.86 -0.88
C LEU A 174 4.31 -13.86 -1.77
N HIS A 175 4.72 -13.99 -3.02
CA HIS A 175 4.05 -14.92 -3.92
C HIS A 175 5.01 -15.98 -4.42
N VAL A 176 4.56 -17.23 -4.45
CA VAL A 176 5.41 -18.32 -4.89
C VAL A 176 4.74 -19.19 -5.92
N VAL A 177 5.54 -19.56 -6.93
CA VAL A 177 5.08 -20.40 -8.02
C VAL A 177 5.94 -21.65 -8.06
N LEU A 178 5.28 -22.79 -8.21
CA LEU A 178 5.95 -24.08 -8.28
C LEU A 178 5.53 -24.70 -9.62
N VAL A 179 6.49 -25.03 -10.46
CA VAL A 179 6.17 -25.65 -11.73
C VAL A 179 6.95 -26.95 -11.93
N PHE A 180 6.26 -27.96 -12.47
CA PHE A 180 6.86 -29.26 -12.78
C PHE A 180 6.75 -29.35 -14.30
N PRO A 181 7.78 -28.89 -15.01
CA PRO A 181 7.80 -28.90 -16.48
C PRO A 181 7.45 -30.22 -17.15
N SER A 182 7.85 -31.35 -16.57
CA SER A 182 7.54 -32.65 -17.18
C SER A 182 6.06 -32.99 -17.05
N LEU A 183 5.39 -32.42 -16.05
CA LEU A 183 3.97 -32.69 -15.84
C LEU A 183 3.09 -31.57 -16.37
N GLY A 184 3.67 -30.38 -16.54
CA GLY A 184 2.89 -29.25 -17.03
C GLY A 184 1.97 -28.72 -15.94
N THR A 185 2.29 -29.00 -14.69
CA THR A 185 1.49 -28.55 -13.57
C THR A 185 2.05 -27.26 -12.99
N ILE A 186 1.16 -26.38 -12.56
CA ILE A 186 1.50 -25.10 -11.98
C ILE A 186 0.78 -24.92 -10.65
N TYR A 187 1.51 -24.54 -9.62
CA TYR A 187 0.90 -24.33 -8.31
C TYR A 187 1.25 -22.93 -7.86
N THR A 188 0.30 -22.26 -7.22
CA THR A 188 0.55 -20.91 -6.76
C THR A 188 -0.01 -20.65 -5.36
N ILE A 189 0.70 -19.83 -4.60
CA ILE A 189 0.27 -19.47 -3.26
C ILE A 189 0.88 -18.12 -2.92
N ALA A 190 0.17 -17.35 -2.13
CA ALA A 190 0.66 -16.04 -1.74
C ALA A 190 0.03 -15.61 -0.42
N ASP A 191 0.72 -14.76 0.31
CA ASP A 191 0.22 -14.28 1.58
C ASP A 191 0.88 -12.93 1.86
N ILE A 192 0.33 -12.20 2.83
CA ILE A 192 0.90 -10.91 3.19
C ILE A 192 1.87 -11.13 4.33
N VAL A 193 3.10 -10.68 4.14
CA VAL A 193 4.14 -10.82 5.16
C VAL A 193 4.92 -9.52 5.26
N ASP A 194 5.02 -8.99 6.47
CA ASP A 194 5.74 -7.75 6.71
C ASP A 194 7.14 -8.11 7.26
N LEU A 195 8.13 -8.15 6.37
CA LEU A 195 9.49 -8.51 6.77
C LEU A 195 10.04 -7.64 7.90
N LYS A 196 9.77 -6.35 7.81
CA LYS A 196 10.22 -5.36 8.77
C LYS A 196 9.73 -5.66 10.19
N GLN A 197 8.59 -6.36 10.27
CA GLN A 197 8.01 -6.70 11.55
C GLN A 197 8.56 -8.00 12.13
N VAL A 198 9.13 -8.86 11.30
CA VAL A 198 9.62 -10.14 11.80
C VAL A 198 11.14 -10.31 11.82
N LEU A 199 11.83 -9.66 10.88
CA LEU A 199 13.27 -9.82 10.75
C LEU A 199 14.13 -8.59 11.01
N PRO A 200 15.42 -8.81 11.33
CA PRO A 200 16.37 -7.74 11.59
C PRO A 200 16.80 -7.16 10.24
N GLU A 201 17.50 -6.03 10.24
CA GLU A 201 17.93 -5.42 8.98
C GLU A 201 18.74 -6.35 8.08
N SER A 202 19.74 -7.04 8.64
CA SER A 202 20.57 -7.96 7.87
C SER A 202 20.16 -9.39 8.09
N VAL A 203 20.21 -10.20 7.04
CA VAL A 203 19.82 -11.59 7.13
C VAL A 203 20.65 -12.51 6.25
N ASN A 204 20.38 -13.80 6.37
CA ASN A 204 21.01 -14.84 5.55
C ASN A 204 19.87 -15.48 4.78
N VAL A 205 20.12 -15.84 3.53
CA VAL A 205 19.11 -16.51 2.73
C VAL A 205 19.72 -17.83 2.32
N GLY A 206 18.91 -18.87 2.24
CA GLY A 206 19.43 -20.16 1.86
C GLY A 206 18.38 -21.24 1.93
N PHE A 207 18.83 -22.48 2.00
CA PHE A 207 17.94 -23.62 2.07
C PHE A 207 18.24 -24.51 3.26
N SER A 208 17.28 -25.36 3.59
CA SER A 208 17.45 -26.30 4.67
C SER A 208 16.50 -27.45 4.38
N ALA A 209 16.94 -28.66 4.69
CA ALA A 209 16.12 -29.85 4.47
C ALA A 209 16.41 -30.87 5.56
N ALA A 210 15.53 -31.87 5.68
CA ALA A 210 15.71 -32.91 6.68
C ALA A 210 15.01 -34.17 6.24
N THR A 211 15.55 -35.31 6.66
CA THR A 211 14.94 -36.59 6.36
C THR A 211 14.41 -37.15 7.67
N GLY A 212 13.74 -38.29 7.62
CA GLY A 212 13.17 -38.91 8.81
C GLY A 212 13.98 -38.88 10.09
N ASP A 213 13.35 -38.42 11.16
CA ASP A 213 14.02 -38.37 12.46
C ASP A 213 13.96 -39.76 13.11
N PRO A 214 15.03 -40.17 13.82
CA PRO A 214 15.10 -41.47 14.51
C PRO A 214 13.86 -41.79 15.35
N SER A 215 13.35 -40.79 16.05
CA SER A 215 12.18 -40.96 16.90
C SER A 215 11.01 -41.60 16.16
N GLY A 216 11.01 -41.51 14.84
CA GLY A 216 9.94 -42.09 14.05
C GLY A 216 10.08 -43.59 13.89
N LYS A 217 11.24 -44.12 14.29
CA LYS A 217 11.52 -45.55 14.21
C LYS A 217 11.34 -46.14 12.80
N GLN A 218 11.49 -45.29 11.78
CA GLN A 218 11.35 -45.73 10.39
C GLN A 218 12.50 -45.24 9.53
N ARG A 219 13.35 -46.17 9.10
CA ARG A 219 14.51 -45.85 8.27
C ARG A 219 14.12 -45.48 6.84
N ASN A 220 12.92 -45.88 6.43
CA ASN A 220 12.43 -45.60 5.08
C ASN A 220 11.91 -44.16 4.96
N ALA A 221 11.70 -43.50 6.09
CA ALA A 221 11.22 -42.12 6.09
C ALA A 221 12.32 -41.17 5.61
N THR A 222 12.67 -41.26 4.33
CA THR A 222 13.72 -40.43 3.77
C THR A 222 13.48 -40.16 2.29
N GLU A 223 14.25 -39.24 1.72
CA GLU A 223 14.14 -38.87 0.30
C GLU A 223 15.34 -37.96 0.03
N THR A 224 15.51 -37.54 -1.21
CA THR A 224 16.60 -36.62 -1.53
C THR A 224 16.04 -35.19 -1.51
N HIS A 225 16.93 -34.23 -1.27
CA HIS A 225 16.55 -32.82 -1.28
C HIS A 225 17.69 -32.12 -1.99
N ASP A 226 17.64 -32.17 -3.32
CA ASP A 226 18.67 -31.58 -4.16
C ASP A 226 18.31 -30.25 -4.78
N ILE A 227 19.21 -29.29 -4.68
CA ILE A 227 19.00 -28.01 -5.31
C ILE A 227 19.92 -28.05 -6.53
N LEU A 228 19.35 -27.77 -7.71
CA LEU A 228 20.09 -27.81 -8.98
C LEU A 228 20.67 -26.47 -9.43
N SER A 229 19.95 -25.38 -9.18
CA SER A 229 20.42 -24.05 -9.58
C SER A 229 19.74 -23.02 -8.71
N TRP A 230 20.35 -21.83 -8.59
CA TRP A 230 19.77 -20.80 -7.76
C TRP A 230 20.21 -19.37 -8.05
N SER A 231 19.26 -18.50 -8.34
CA SER A 231 19.57 -17.09 -8.60
C SER A 231 18.81 -16.24 -7.58
N PHE A 232 19.38 -15.11 -7.22
CA PHE A 232 18.78 -14.24 -6.23
C PHE A 232 19.04 -12.79 -6.59
N SER A 233 18.01 -11.97 -6.45
CA SER A 233 18.11 -10.56 -6.74
C SER A 233 17.31 -9.80 -5.69
N ALA A 234 17.92 -8.77 -5.10
CA ALA A 234 17.26 -7.96 -4.08
C ALA A 234 17.53 -6.47 -4.36
N SER A 235 16.54 -5.64 -4.11
CA SER A 235 16.68 -4.22 -4.35
C SER A 235 16.18 -3.39 -3.17
N LEU A 236 17.07 -2.58 -2.61
CA LEU A 236 16.72 -1.73 -1.47
C LEU A 236 16.87 -0.27 -1.88
N PRO A 237 15.76 0.44 -2.12
CA PRO A 237 15.85 1.85 -2.50
C PRO A 237 16.39 2.68 -1.35
N GLY A 238 15.91 2.37 -0.14
CA GLY A 238 16.34 3.08 1.04
C GLY A 238 17.79 2.79 1.42
N LYS B 2 -21.73 -21.50 -1.93
CA LYS B 2 -22.34 -21.47 -3.30
C LYS B 2 -21.24 -21.45 -4.37
N THR B 3 -20.64 -22.61 -4.61
CA THR B 3 -19.57 -22.75 -5.59
C THR B 3 -20.07 -22.90 -7.03
N ILE B 4 -19.35 -22.29 -7.96
CA ILE B 4 -19.67 -22.35 -9.37
C ILE B 4 -18.41 -22.60 -10.17
N SER B 5 -18.52 -23.38 -11.23
CA SER B 5 -17.35 -23.66 -12.05
C SER B 5 -17.72 -24.27 -13.39
N PHE B 6 -16.97 -23.89 -14.40
CA PHE B 6 -17.18 -24.42 -15.73
C PHE B 6 -15.80 -24.69 -16.33
N ASN B 7 -15.78 -25.49 -17.38
CA ASN B 7 -14.53 -25.84 -17.99
C ASN B 7 -14.67 -26.10 -19.47
N PHE B 8 -13.88 -25.39 -20.26
CA PHE B 8 -13.88 -25.53 -21.71
C PHE B 8 -12.53 -26.08 -22.12
N ASN B 9 -12.47 -27.37 -22.43
CA ASN B 9 -11.21 -27.98 -22.87
C ASN B 9 -11.02 -27.70 -24.36
N GLN B 10 -12.10 -27.27 -24.99
CA GLN B 10 -12.09 -26.95 -26.41
C GLN B 10 -13.33 -26.12 -26.66
N PHE B 11 -13.33 -25.33 -27.72
CA PHE B 11 -14.49 -24.50 -28.03
C PHE B 11 -15.21 -25.04 -29.27
N HIS B 12 -16.53 -25.12 -29.17
CA HIS B 12 -17.36 -25.61 -30.26
C HIS B 12 -18.10 -24.44 -30.89
N GLN B 13 -18.19 -24.44 -32.21
CA GLN B 13 -18.90 -23.35 -32.87
C GLN B 13 -20.32 -23.30 -32.35
N ASN B 14 -20.83 -22.08 -32.18
CA ASN B 14 -22.17 -21.88 -31.66
C ASN B 14 -22.27 -22.35 -30.20
N GLU B 15 -21.27 -22.00 -29.39
CA GLU B 15 -21.25 -22.37 -27.98
C GLU B 15 -22.39 -21.67 -27.29
N GLU B 16 -23.35 -22.44 -26.78
CA GLU B 16 -24.48 -21.86 -26.09
C GLU B 16 -24.05 -21.19 -24.78
N GLN B 17 -22.88 -21.59 -24.28
CA GLN B 17 -22.33 -21.09 -23.04
C GLN B 17 -21.57 -19.76 -23.17
N LEU B 18 -21.17 -19.41 -24.38
CA LEU B 18 -20.43 -18.17 -24.60
C LEU B 18 -21.18 -17.12 -25.40
N LYS B 19 -20.94 -15.87 -25.04
CA LYS B 19 -21.56 -14.77 -25.74
C LYS B 19 -20.39 -14.15 -26.49
N LEU B 20 -20.46 -14.17 -27.81
CA LEU B 20 -19.40 -13.62 -28.66
C LEU B 20 -19.79 -12.23 -29.15
N GLN B 21 -18.86 -11.28 -29.01
CA GLN B 21 -19.12 -9.91 -29.44
C GLN B 21 -18.09 -9.44 -30.46
N ARG B 22 -18.54 -8.57 -31.35
CA ARG B 22 -17.70 -8.01 -32.40
C ARG B 22 -17.01 -9.08 -33.25
N ASP B 23 -15.70 -8.99 -33.39
CA ASP B 23 -14.98 -9.96 -34.22
C ASP B 23 -14.68 -11.32 -33.60
N ALA B 24 -14.98 -11.52 -32.32
CA ALA B 24 -14.71 -12.80 -31.69
C ALA B 24 -15.38 -13.92 -32.47
N ARG B 25 -14.66 -15.01 -32.68
CA ARG B 25 -15.21 -16.10 -33.44
C ARG B 25 -14.55 -17.42 -33.03
N ILE B 26 -15.27 -18.52 -33.20
CA ILE B 26 -14.73 -19.82 -32.88
C ILE B 26 -14.38 -20.49 -34.20
N SER B 27 -13.11 -20.80 -34.39
CA SER B 27 -12.64 -21.44 -35.62
C SER B 27 -13.09 -22.89 -35.71
N SER B 28 -12.97 -23.45 -36.91
CA SER B 28 -13.37 -24.84 -37.14
C SER B 28 -12.57 -25.80 -36.27
N ASN B 29 -11.27 -25.57 -36.13
CA ASN B 29 -10.44 -26.45 -35.33
C ASN B 29 -10.58 -26.23 -33.82
N SER B 30 -11.69 -25.63 -33.40
CA SER B 30 -11.95 -25.41 -31.98
C SER B 30 -11.25 -24.33 -31.17
N VAL B 31 -10.61 -23.36 -31.79
CA VAL B 31 -9.96 -22.31 -31.01
C VAL B 31 -10.77 -21.02 -31.07
N LEU B 32 -10.80 -20.30 -29.96
CA LEU B 32 -11.54 -19.04 -29.86
C LEU B 32 -10.65 -17.90 -30.34
N GLU B 33 -10.98 -17.35 -31.51
CA GLU B 33 -10.21 -16.25 -32.08
C GLU B 33 -10.90 -14.95 -31.69
N LEU B 34 -10.28 -14.21 -30.78
CA LEU B 34 -10.86 -12.96 -30.32
C LEU B 34 -10.83 -11.91 -31.40
N THR B 35 -9.71 -11.83 -32.11
CA THR B 35 -9.59 -10.86 -33.17
C THR B 35 -9.57 -11.50 -34.55
N LYS B 36 -9.90 -10.70 -35.55
CA LYS B 36 -9.98 -11.15 -36.93
C LYS B 36 -8.71 -11.72 -37.53
N VAL B 37 -8.84 -12.90 -38.14
CA VAL B 37 -7.74 -13.57 -38.81
C VAL B 37 -8.32 -14.13 -40.11
N VAL B 38 -7.90 -13.56 -41.23
CA VAL B 38 -8.38 -13.97 -42.55
C VAL B 38 -7.34 -14.74 -43.34
N ASN B 39 -7.67 -15.99 -43.68
CA ASN B 39 -6.77 -16.86 -44.44
C ASN B 39 -5.46 -17.07 -43.69
N GLY B 40 -5.56 -17.22 -42.38
CA GLY B 40 -4.39 -17.44 -41.55
C GLY B 40 -3.54 -16.20 -41.34
N VAL B 41 -4.13 -15.03 -41.56
CA VAL B 41 -3.40 -13.78 -41.37
C VAL B 41 -4.21 -12.80 -40.53
N PRO B 42 -3.65 -12.35 -39.40
CA PRO B 42 -4.38 -11.41 -38.55
C PRO B 42 -4.43 -10.04 -39.22
N THR B 43 -5.51 -9.29 -38.99
CA THR B 43 -5.65 -7.97 -39.58
C THR B 43 -5.76 -6.90 -38.51
N TRP B 44 -5.46 -5.66 -38.88
CA TRP B 44 -5.55 -4.55 -37.95
C TRP B 44 -7.02 -4.17 -37.86
N ASN B 45 -7.31 -3.14 -37.08
CA ASN B 45 -8.67 -2.62 -36.95
C ASN B 45 -9.70 -3.67 -36.53
N SER B 46 -9.33 -4.55 -35.60
CA SER B 46 -10.25 -5.57 -35.13
C SER B 46 -10.36 -5.59 -33.61
N THR B 47 -11.57 -5.89 -33.12
CA THR B 47 -11.82 -5.96 -31.69
C THR B 47 -12.87 -7.03 -31.42
N GLY B 48 -12.67 -7.79 -30.36
CA GLY B 48 -13.62 -8.84 -30.03
C GLY B 48 -13.58 -9.26 -28.57
N ARG B 49 -14.69 -9.79 -28.08
CA ARG B 49 -14.78 -10.23 -26.71
C ARG B 49 -15.57 -11.54 -26.66
N ALA B 50 -15.37 -12.29 -25.58
CA ALA B 50 -16.06 -13.53 -25.35
C ALA B 50 -16.38 -13.53 -23.87
N LEU B 51 -17.66 -13.67 -23.54
CA LEU B 51 -18.09 -13.67 -22.14
C LEU B 51 -18.86 -14.92 -21.81
N TYR B 52 -18.67 -15.43 -20.60
CA TYR B 52 -19.42 -16.59 -20.16
C TYR B 52 -20.85 -16.04 -20.16
N ALA B 53 -21.80 -16.80 -20.71
CA ALA B 53 -23.17 -16.32 -20.81
C ALA B 53 -23.91 -16.09 -19.50
N LYS B 54 -23.55 -16.81 -18.45
CA LYS B 54 -24.23 -16.63 -17.17
C LYS B 54 -23.44 -15.74 -16.24
N PRO B 55 -24.13 -14.81 -15.57
CA PRO B 55 -23.46 -13.90 -14.63
C PRO B 55 -23.05 -14.68 -13.39
N VAL B 56 -21.95 -14.29 -12.77
CA VAL B 56 -21.49 -14.98 -11.58
C VAL B 56 -21.47 -13.99 -10.43
N GLN B 57 -21.79 -14.46 -9.23
CA GLN B 57 -21.79 -13.60 -8.06
C GLN B 57 -20.42 -13.59 -7.40
N VAL B 58 -19.77 -12.42 -7.37
CA VAL B 58 -18.45 -12.30 -6.75
C VAL B 58 -18.53 -11.88 -5.29
N TRP B 59 -19.66 -11.26 -4.92
CA TRP B 59 -19.89 -10.88 -3.53
C TRP B 59 -21.37 -10.69 -3.21
N ASP B 60 -21.70 -10.74 -1.93
CA ASP B 60 -23.09 -10.62 -1.47
C ASP B 60 -23.26 -9.56 -0.39
N SER B 61 -24.04 -8.53 -0.69
CA SER B 61 -24.27 -7.43 0.23
C SER B 61 -24.94 -7.81 1.55
N THR B 62 -25.64 -8.92 1.59
CA THR B 62 -26.29 -9.37 2.82
C THR B 62 -25.26 -9.80 3.85
N THR B 63 -24.46 -10.80 3.52
CA THR B 63 -23.43 -11.30 4.42
C THR B 63 -22.15 -10.47 4.35
N GLY B 64 -21.92 -9.83 3.22
CA GLY B 64 -20.73 -9.02 3.03
C GLY B 64 -19.58 -9.85 2.47
N ASN B 65 -19.74 -11.18 2.51
CA ASN B 65 -18.71 -12.09 2.02
C ASN B 65 -18.34 -11.87 0.55
N VAL B 66 -17.06 -12.06 0.25
CA VAL B 66 -16.54 -11.90 -1.10
C VAL B 66 -16.12 -13.28 -1.61
N ALA B 67 -16.24 -13.49 -2.91
CA ALA B 67 -15.89 -14.77 -3.49
C ALA B 67 -14.40 -14.91 -3.76
N SER B 68 -13.92 -16.14 -3.67
CA SER B 68 -12.53 -16.43 -3.98
C SER B 68 -12.65 -17.21 -5.28
N PHE B 69 -11.75 -16.98 -6.22
CA PHE B 69 -11.84 -17.70 -7.47
C PHE B 69 -10.50 -18.01 -8.08
N GLU B 70 -10.52 -18.89 -9.07
CA GLU B 70 -9.32 -19.30 -9.77
C GLU B 70 -9.69 -19.57 -11.21
N THR B 71 -8.88 -19.09 -12.12
CA THR B 71 -9.15 -19.34 -13.52
C THR B 71 -7.86 -19.69 -14.24
N ARG B 72 -7.97 -20.62 -15.17
CA ARG B 72 -6.83 -21.06 -15.94
C ARG B 72 -7.21 -21.09 -17.40
N PHE B 73 -6.28 -20.66 -18.23
CA PHE B 73 -6.50 -20.67 -19.65
C PHE B 73 -5.18 -20.62 -20.39
N SER B 74 -5.23 -21.04 -21.64
CA SER B 74 -4.08 -21.04 -22.50
C SER B 74 -4.41 -20.15 -23.67
N PHE B 75 -3.44 -19.38 -24.10
CA PHE B 75 -3.66 -18.52 -25.24
C PHE B 75 -2.45 -18.62 -26.13
N SER B 76 -2.52 -17.95 -27.26
CA SER B 76 -1.43 -17.94 -28.20
C SER B 76 -1.51 -16.66 -29.00
N ILE B 77 -0.42 -15.91 -29.01
CA ILE B 77 -0.36 -14.70 -29.78
C ILE B 77 0.72 -14.95 -30.82
N ARG B 78 0.34 -14.85 -32.08
CA ARG B 78 1.27 -15.06 -33.18
C ARG B 78 1.49 -13.68 -33.78
N GLN B 79 2.76 -13.28 -33.87
CA GLN B 79 3.12 -11.99 -34.43
C GLN B 79 3.84 -12.17 -35.76
N PRO B 80 3.08 -12.20 -36.87
CA PRO B 80 3.59 -12.37 -38.23
C PRO B 80 4.49 -11.23 -38.70
N PHE B 81 4.14 -10.00 -38.32
CA PHE B 81 4.87 -8.81 -38.74
C PHE B 81 5.59 -8.14 -37.58
N PRO B 82 6.87 -8.45 -37.38
CA PRO B 82 7.67 -7.88 -36.30
C PRO B 82 8.12 -6.43 -36.49
N ARG B 83 8.37 -6.04 -37.73
CA ARG B 83 8.89 -4.71 -38.00
C ARG B 83 8.22 -3.46 -37.43
N PRO B 84 7.03 -3.10 -37.90
CA PRO B 84 6.48 -1.89 -37.28
C PRO B 84 6.35 -2.04 -35.76
N HIS B 85 5.31 -2.75 -35.35
CA HIS B 85 5.02 -2.99 -33.95
C HIS B 85 3.69 -3.72 -33.82
N PRO B 86 3.70 -4.94 -33.30
CA PRO B 86 2.43 -5.66 -33.16
C PRO B 86 1.51 -4.92 -32.17
N ALA B 87 0.21 -5.19 -32.23
CA ALA B 87 -0.76 -4.56 -31.35
C ALA B 87 -2.03 -5.40 -31.32
N ASP B 88 -2.81 -5.32 -30.23
CA ASP B 88 -2.50 -4.51 -29.05
C ASP B 88 -2.31 -5.40 -27.82
N GLY B 89 -2.96 -6.56 -27.83
CA GLY B 89 -2.85 -7.48 -26.71
C GLY B 89 -4.22 -8.01 -26.33
N LEU B 90 -4.29 -8.78 -25.26
CA LEU B 90 -5.56 -9.33 -24.83
C LEU B 90 -5.68 -9.26 -23.32
N VAL B 91 -6.89 -9.40 -22.81
CA VAL B 91 -7.10 -9.38 -21.39
C VAL B 91 -8.19 -10.35 -20.97
N PHE B 92 -8.10 -10.74 -19.71
CA PHE B 92 -9.12 -11.56 -19.08
C PHE B 92 -9.75 -10.47 -18.20
N PHE B 93 -11.07 -10.33 -18.23
CA PHE B 93 -11.65 -9.30 -17.39
C PHE B 93 -12.91 -9.71 -16.65
N ILE B 94 -13.29 -8.89 -15.69
CA ILE B 94 -14.47 -9.08 -14.86
C ILE B 94 -15.19 -7.73 -14.92
N ALA B 95 -16.44 -7.72 -15.37
CA ALA B 95 -17.19 -6.48 -15.49
C ALA B 95 -18.67 -6.67 -15.15
N PRO B 96 -19.45 -5.57 -15.10
CA PRO B 96 -20.87 -5.69 -14.79
C PRO B 96 -21.52 -6.40 -15.97
N PRO B 97 -22.60 -7.15 -15.73
CA PRO B 97 -23.23 -7.82 -16.87
C PRO B 97 -23.85 -6.87 -17.89
N ASN B 98 -24.02 -7.40 -19.11
CA ASN B 98 -24.63 -6.65 -20.21
C ASN B 98 -23.89 -5.41 -20.72
N THR B 99 -22.57 -5.39 -20.60
CA THR B 99 -21.83 -4.23 -21.10
C THR B 99 -21.57 -4.45 -22.59
N GLN B 100 -21.19 -3.39 -23.28
CA GLN B 100 -20.90 -3.52 -24.69
C GLN B 100 -19.42 -3.26 -24.94
N THR B 101 -18.92 -3.77 -26.05
CA THR B 101 -17.52 -3.61 -26.40
C THR B 101 -17.13 -2.14 -26.39
N GLY B 102 -16.01 -1.84 -25.75
CA GLY B 102 -15.55 -0.46 -25.69
C GLY B 102 -14.65 -0.11 -26.85
N GLU B 103 -13.77 0.86 -26.62
CA GLU B 103 -12.82 1.29 -27.64
C GLU B 103 -11.76 0.23 -27.89
N GLY B 104 -11.27 0.17 -29.13
CA GLY B 104 -10.25 -0.79 -29.49
C GLY B 104 -8.86 -0.29 -29.17
N GLY B 105 -7.88 -0.70 -29.96
CA GLY B 105 -6.52 -0.28 -29.71
C GLY B 105 -6.06 -0.58 -28.30
N GLY B 106 -5.32 0.35 -27.72
CA GLY B 106 -4.79 0.17 -26.38
C GLY B 106 -5.84 0.02 -25.29
N TYR B 107 -7.11 0.12 -25.68
CA TYR B 107 -8.17 -0.03 -24.69
C TYR B 107 -8.69 -1.45 -24.66
N PHE B 108 -8.11 -2.29 -25.52
CA PHE B 108 -8.44 -3.72 -25.58
C PHE B 108 -9.90 -4.05 -25.79
N GLY B 109 -10.75 -3.03 -25.94
CA GLY B 109 -12.17 -3.28 -26.10
C GLY B 109 -12.91 -3.33 -24.78
N ILE B 110 -12.25 -3.01 -23.67
CA ILE B 110 -12.92 -3.03 -22.37
C ILE B 110 -13.19 -1.66 -21.76
N TYR B 111 -12.52 -0.63 -22.25
CA TYR B 111 -12.71 0.70 -21.74
C TYR B 111 -13.52 1.55 -22.70
N ASN B 112 -14.53 2.23 -22.19
CA ASN B 112 -15.38 3.09 -23.00
C ASN B 112 -15.40 4.50 -22.40
N PRO B 113 -14.62 5.43 -22.99
CA PRO B 113 -14.51 6.82 -22.54
C PRO B 113 -15.85 7.56 -22.38
N LEU B 114 -16.75 7.35 -23.34
CA LEU B 114 -18.04 8.02 -23.34
C LEU B 114 -18.95 7.65 -22.16
N SER B 115 -18.69 6.51 -21.53
CA SER B 115 -19.48 6.06 -20.39
C SER B 115 -18.79 4.83 -19.81
N PRO B 116 -17.71 5.06 -19.05
CA PRO B 116 -16.94 3.99 -18.42
C PRO B 116 -17.70 3.15 -17.41
N TYR B 117 -17.55 1.83 -17.52
CA TYR B 117 -18.16 0.92 -16.56
C TYR B 117 -16.97 0.35 -15.80
N PRO B 118 -17.15 -0.04 -14.54
CA PRO B 118 -16.01 -0.58 -13.80
C PRO B 118 -15.58 -1.97 -14.28
N PHE B 119 -14.36 -2.35 -13.91
CA PHE B 119 -13.82 -3.65 -14.28
C PHE B 119 -12.48 -3.91 -13.64
N VAL B 120 -12.12 -5.18 -13.55
CA VAL B 120 -10.83 -5.60 -13.04
C VAL B 120 -10.34 -6.49 -14.16
N ALA B 121 -9.15 -6.21 -14.66
CA ALA B 121 -8.60 -6.99 -15.77
C ALA B 121 -7.14 -7.31 -15.59
N VAL B 122 -6.73 -8.41 -16.23
CA VAL B 122 -5.35 -8.85 -16.23
C VAL B 122 -5.00 -8.75 -17.69
N GLU B 123 -4.09 -7.83 -18.03
CA GLU B 123 -3.74 -7.66 -19.43
C GLU B 123 -2.40 -8.26 -19.83
N PHE B 124 -2.29 -8.56 -21.11
CA PHE B 124 -1.10 -9.12 -21.72
C PHE B 124 -0.97 -8.16 -22.86
N ASP B 125 -0.21 -7.12 -22.56
CA ASP B 125 0.03 -5.97 -23.42
C ASP B 125 1.20 -6.09 -24.38
N THR B 126 0.92 -5.98 -25.67
CA THR B 126 1.95 -6.10 -26.71
C THR B 126 2.33 -4.81 -27.42
N PHE B 127 1.63 -3.71 -27.16
CA PHE B 127 1.95 -2.44 -27.81
C PHE B 127 2.15 -1.35 -26.77
N ARG B 128 3.19 -0.54 -26.91
CA ARG B 128 3.43 0.49 -25.93
C ARG B 128 2.75 1.82 -26.20
N ASN B 129 1.69 2.07 -25.45
CA ASN B 129 0.93 3.32 -25.55
C ASN B 129 1.66 4.38 -24.70
N THR B 130 1.16 5.61 -24.71
CA THR B 130 1.77 6.69 -23.94
C THR B 130 1.78 6.46 -22.42
N TRP B 131 0.84 5.66 -21.93
CA TRP B 131 0.72 5.37 -20.50
C TRP B 131 1.41 4.07 -20.07
N ASP B 132 1.99 3.36 -21.05
CA ASP B 132 2.64 2.08 -20.81
C ASP B 132 4.14 2.05 -20.61
N PRO B 133 4.61 1.07 -19.82
CA PRO B 133 6.04 0.88 -19.58
C PRO B 133 6.38 -0.03 -20.77
N GLN B 134 7.63 -0.46 -20.86
CA GLN B 134 8.09 -1.32 -21.94
C GLN B 134 7.17 -2.51 -22.19
N ILE B 135 7.06 -2.95 -23.43
CA ILE B 135 6.23 -4.10 -23.77
C ILE B 135 7.09 -5.25 -24.29
N PRO B 136 6.57 -6.49 -24.22
CA PRO B 136 5.25 -6.83 -23.68
C PRO B 136 5.28 -6.85 -22.16
N HIS B 137 4.11 -6.74 -21.55
CA HIS B 137 4.02 -6.81 -20.11
C HIS B 137 2.67 -7.32 -19.65
N ILE B 138 2.66 -7.88 -18.45
CA ILE B 138 1.45 -8.36 -17.83
C ILE B 138 1.05 -7.15 -17.00
N GLY B 139 -0.25 -6.89 -16.88
CA GLY B 139 -0.66 -5.76 -16.08
C GLY B 139 -1.95 -6.01 -15.35
N ILE B 140 -2.06 -5.45 -14.15
CA ILE B 140 -3.28 -5.56 -13.39
C ILE B 140 -3.97 -4.21 -13.57
N ASP B 141 -5.20 -4.25 -14.10
CA ASP B 141 -5.95 -3.03 -14.36
C ASP B 141 -7.24 -2.95 -13.56
N VAL B 142 -7.44 -1.84 -12.87
CA VAL B 142 -8.67 -1.63 -12.12
C VAL B 142 -9.30 -0.33 -12.64
N ASN B 143 -10.45 -0.46 -13.31
CA ASN B 143 -11.21 0.67 -13.87
C ASN B 143 -10.50 1.49 -14.92
N SER B 144 -9.32 1.07 -15.33
CA SER B 144 -8.61 1.80 -16.36
C SER B 144 -7.54 0.91 -16.96
N VAL B 145 -6.93 1.37 -18.04
CA VAL B 145 -5.90 0.61 -18.72
C VAL B 145 -4.49 1.05 -18.26
N ILE B 146 -4.45 1.90 -17.24
CA ILE B 146 -3.18 2.34 -16.67
C ILE B 146 -2.98 1.41 -15.47
N SER B 147 -2.27 0.31 -15.71
CA SER B 147 -2.04 -0.72 -14.70
C SER B 147 -1.57 -0.22 -13.34
N THR B 148 -2.05 -0.86 -12.28
CA THR B 148 -1.64 -0.50 -10.92
C THR B 148 -0.28 -1.15 -10.76
N LYS B 149 -0.14 -2.32 -11.38
CA LYS B 149 1.09 -3.09 -11.30
C LYS B 149 1.38 -3.70 -12.66
N THR B 150 2.65 -3.72 -13.02
CA THR B 150 3.11 -4.24 -14.30
C THR B 150 4.38 -5.09 -14.17
N VAL B 151 4.58 -6.01 -15.12
CA VAL B 151 5.79 -6.83 -15.14
C VAL B 151 6.08 -7.21 -16.59
N PRO B 152 7.33 -7.05 -17.03
CA PRO B 152 7.70 -7.39 -18.41
C PRO B 152 7.85 -8.88 -18.67
N PHE B 153 7.56 -9.29 -19.90
CA PHE B 153 7.74 -10.68 -20.26
C PHE B 153 8.14 -10.76 -21.72
N THR B 154 8.70 -11.88 -22.11
CA THR B 154 9.13 -12.08 -23.47
C THR B 154 8.21 -13.12 -24.07
N LEU B 155 7.49 -12.69 -25.10
CA LEU B 155 6.54 -13.56 -25.76
C LEU B 155 7.16 -14.70 -26.54
N ASP B 156 6.51 -15.86 -26.50
CA ASP B 156 6.95 -16.99 -27.30
C ASP B 156 6.03 -16.83 -28.50
N ASN B 157 6.59 -16.32 -29.60
CA ASN B 157 5.81 -16.05 -30.80
C ASN B 157 5.09 -17.25 -31.38
N GLY B 158 3.76 -17.21 -31.36
CA GLY B 158 2.97 -18.31 -31.88
C GLY B 158 2.97 -19.51 -30.98
N GLY B 159 3.62 -19.38 -29.82
CA GLY B 159 3.67 -20.49 -28.89
C GLY B 159 2.48 -20.53 -27.94
N ILE B 160 2.44 -21.55 -27.10
CA ILE B 160 1.35 -21.70 -26.15
C ILE B 160 1.76 -21.14 -24.81
N ALA B 161 0.86 -20.36 -24.21
CA ALA B 161 1.09 -19.77 -22.91
C ALA B 161 0.05 -20.32 -21.94
N ASN B 162 0.46 -20.63 -20.73
CA ASN B 162 -0.48 -21.13 -19.73
C ASN B 162 -0.63 -20.05 -18.69
N VAL B 163 -1.87 -19.73 -18.33
CA VAL B 163 -2.09 -18.68 -17.34
C VAL B 163 -2.90 -19.14 -16.15
N VAL B 164 -2.49 -18.71 -14.97
CA VAL B 164 -3.21 -19.04 -13.75
C VAL B 164 -3.53 -17.75 -13.02
N ILE B 165 -4.82 -17.45 -12.86
CA ILE B 165 -5.21 -16.25 -12.13
C ILE B 165 -5.95 -16.74 -10.90
N LYS B 166 -5.51 -16.29 -9.74
CA LYS B 166 -6.10 -16.73 -8.50
C LYS B 166 -6.43 -15.52 -7.62
N TYR B 167 -7.62 -15.51 -7.04
CA TYR B 167 -7.99 -14.42 -6.16
C TYR B 167 -8.42 -14.97 -4.81
N ASP B 168 -7.69 -14.58 -3.78
CA ASP B 168 -7.97 -15.03 -2.42
C ASP B 168 -8.68 -13.89 -1.69
N ALA B 169 -9.95 -14.10 -1.39
CA ALA B 169 -10.75 -13.08 -0.72
C ALA B 169 -10.27 -12.70 0.68
N SER B 170 -9.71 -13.65 1.41
CA SER B 170 -9.25 -13.35 2.76
C SER B 170 -8.11 -12.36 2.80
N THR B 171 -7.24 -12.38 1.79
CA THR B 171 -6.10 -11.46 1.75
C THR B 171 -6.29 -10.36 0.69
N LYS B 172 -7.26 -10.57 -0.20
CA LYS B 172 -7.54 -9.63 -1.30
C LYS B 172 -6.41 -9.67 -2.33
N ILE B 173 -5.61 -10.74 -2.29
CA ILE B 173 -4.52 -10.87 -3.24
C ILE B 173 -4.98 -11.48 -4.55
N LEU B 174 -4.66 -10.79 -5.63
CA LEU B 174 -4.96 -11.28 -6.97
C LEU B 174 -3.58 -11.65 -7.50
N HIS B 175 -3.29 -12.92 -7.66
CA HIS B 175 -1.99 -13.30 -8.20
C HIS B 175 -2.10 -14.00 -9.53
N VAL B 176 -1.28 -13.57 -10.49
CA VAL B 176 -1.32 -14.21 -11.78
C VAL B 176 0.04 -14.76 -12.18
N VAL B 177 0.00 -15.91 -12.84
CA VAL B 177 1.20 -16.58 -13.30
C VAL B 177 1.07 -16.80 -14.79
N LEU B 178 2.16 -16.57 -15.51
CA LEU B 178 2.23 -16.76 -16.94
C LEU B 178 3.40 -17.68 -17.19
N VAL B 179 3.15 -18.81 -17.86
CA VAL B 179 4.19 -19.76 -18.16
C VAL B 179 4.19 -20.14 -19.65
N PHE B 180 5.37 -20.17 -20.24
CA PHE B 180 5.50 -20.56 -21.64
C PHE B 180 6.20 -21.91 -21.58
N PRO B 181 5.43 -23.00 -21.61
CA PRO B 181 6.02 -24.34 -21.54
C PRO B 181 7.13 -24.66 -22.55
N SER B 182 7.04 -24.11 -23.76
CA SER B 182 8.09 -24.40 -24.74
C SER B 182 9.43 -23.72 -24.41
N LEU B 183 9.39 -22.61 -23.66
CA LEU B 183 10.62 -21.90 -23.32
C LEU B 183 11.06 -22.12 -21.87
N GLY B 184 10.16 -22.68 -21.07
CA GLY B 184 10.46 -22.93 -19.67
C GLY B 184 10.37 -21.69 -18.81
N THR B 185 10.01 -20.55 -19.40
CA THR B 185 9.94 -19.29 -18.64
C THR B 185 8.69 -19.09 -17.78
N ILE B 186 8.89 -18.46 -16.63
CA ILE B 186 7.79 -18.22 -15.69
C ILE B 186 7.77 -16.75 -15.27
N TYR B 187 6.59 -16.14 -15.34
CA TYR B 187 6.42 -14.74 -14.96
C TYR B 187 5.30 -14.69 -13.94
N THR B 188 5.49 -13.87 -12.92
CA THR B 188 4.50 -13.77 -11.88
C THR B 188 4.30 -12.33 -11.46
N ILE B 189 3.05 -12.00 -11.15
CA ILE B 189 2.73 -10.66 -10.69
C ILE B 189 1.54 -10.75 -9.74
N ALA B 190 1.51 -9.87 -8.75
CA ALA B 190 0.44 -9.88 -7.77
C ALA B 190 0.14 -8.47 -7.28
N ASP B 191 -1.09 -8.28 -6.81
CA ASP B 191 -1.48 -6.99 -6.28
C ASP B 191 -2.71 -7.17 -5.40
N ILE B 192 -3.00 -6.16 -4.59
CA ILE B 192 -4.16 -6.20 -3.69
C ILE B 192 -5.35 -5.50 -4.34
N VAL B 193 -6.45 -6.23 -4.49
CA VAL B 193 -7.65 -5.66 -5.10
C VAL B 193 -8.85 -6.04 -4.27
N ASP B 194 -9.65 -5.03 -3.92
CA ASP B 194 -10.86 -5.23 -3.13
C ASP B 194 -12.05 -5.19 -4.09
N LEU B 195 -12.43 -6.37 -4.60
CA LEU B 195 -13.54 -6.50 -5.55
C LEU B 195 -14.83 -5.82 -5.11
N LYS B 196 -15.10 -5.94 -3.82
CA LYS B 196 -16.28 -5.39 -3.17
C LYS B 196 -16.35 -3.88 -3.38
N GLN B 197 -15.19 -3.25 -3.32
CA GLN B 197 -15.09 -1.80 -3.47
C GLN B 197 -15.24 -1.31 -4.90
N VAL B 198 -15.00 -2.16 -5.89
CA VAL B 198 -15.10 -1.70 -7.27
C VAL B 198 -16.18 -2.32 -8.14
N LEU B 199 -16.60 -3.55 -7.84
CA LEU B 199 -17.60 -4.23 -8.66
C LEU B 199 -18.94 -4.57 -8.00
N PRO B 200 -20.00 -4.67 -8.81
CA PRO B 200 -21.33 -5.00 -8.30
C PRO B 200 -21.32 -6.48 -7.85
N GLU B 201 -22.38 -6.92 -7.19
CA GLU B 201 -22.45 -8.30 -6.70
C GLU B 201 -22.38 -9.36 -7.80
N SER B 202 -23.04 -9.09 -8.93
CA SER B 202 -23.04 -10.01 -10.07
C SER B 202 -22.21 -9.43 -11.18
N VAL B 203 -21.46 -10.28 -11.88
CA VAL B 203 -20.60 -9.82 -12.96
C VAL B 203 -20.48 -10.87 -14.05
N ASN B 204 -19.81 -10.47 -15.14
CA ASN B 204 -19.53 -11.35 -16.26
C ASN B 204 -18.01 -11.54 -16.26
N VAL B 205 -17.54 -12.73 -16.62
CA VAL B 205 -16.11 -12.97 -16.70
C VAL B 205 -15.88 -13.34 -18.17
N GLY B 206 -14.75 -12.91 -18.72
CA GLY B 206 -14.46 -13.20 -20.11
C GLY B 206 -13.14 -12.63 -20.62
N PHE B 207 -12.99 -12.62 -21.93
CA PHE B 207 -11.79 -12.13 -22.57
C PHE B 207 -12.11 -11.06 -23.59
N SER B 208 -11.12 -10.20 -23.85
CA SER B 208 -11.26 -9.13 -24.81
C SER B 208 -9.88 -8.88 -25.41
N ALA B 209 -9.84 -8.57 -26.70
CA ALA B 209 -8.57 -8.31 -27.37
C ALA B 209 -8.79 -7.36 -28.54
N ALA B 210 -7.70 -6.78 -29.04
CA ALA B 210 -7.77 -5.86 -30.16
C ALA B 210 -6.44 -5.80 -30.91
N THR B 211 -6.52 -5.48 -32.21
CA THR B 211 -5.33 -5.32 -33.03
C THR B 211 -5.17 -3.83 -33.32
N GLY B 212 -4.07 -3.47 -33.99
CA GLY B 212 -3.78 -2.08 -34.30
C GLY B 212 -4.91 -1.22 -34.79
N ASP B 213 -5.08 -0.07 -34.16
CA ASP B 213 -6.12 0.88 -34.54
C ASP B 213 -5.69 1.61 -35.81
N PRO B 214 -6.63 1.86 -36.74
CA PRO B 214 -6.32 2.55 -37.99
C PRO B 214 -5.64 3.89 -37.78
N SER B 215 -5.98 4.57 -36.68
CA SER B 215 -5.40 5.88 -36.38
C SER B 215 -3.87 5.82 -36.26
N GLY B 216 -3.34 4.61 -36.13
CA GLY B 216 -1.89 4.46 -36.03
C GLY B 216 -1.30 4.38 -37.43
N LYS B 217 -2.17 4.20 -38.41
CA LYS B 217 -1.79 4.13 -39.83
C LYS B 217 -0.77 3.06 -40.17
N GLN B 218 -0.83 1.92 -39.48
CA GLN B 218 0.09 0.81 -39.74
C GLN B 218 -0.69 -0.48 -39.82
N ARG B 219 -0.76 -1.06 -41.02
CA ARG B 219 -1.48 -2.30 -41.21
C ARG B 219 -0.79 -3.50 -40.55
N ASN B 220 0.50 -3.35 -40.25
CA ASN B 220 1.25 -4.44 -39.62
C ASN B 220 1.06 -4.50 -38.11
N ALA B 221 0.39 -3.50 -37.55
CA ALA B 221 0.15 -3.47 -36.11
C ALA B 221 -0.98 -4.46 -35.83
N THR B 222 -0.65 -5.74 -35.84
CA THR B 222 -1.64 -6.78 -35.60
C THR B 222 -0.97 -8.07 -35.16
N GLU B 223 -1.77 -9.02 -34.72
CA GLU B 223 -1.31 -10.31 -34.23
C GLU B 223 -2.57 -11.10 -33.90
N THR B 224 -2.44 -12.41 -33.72
CA THR B 224 -3.61 -13.19 -33.35
C THR B 224 -3.78 -13.09 -31.83
N HIS B 225 -4.95 -13.48 -31.35
CA HIS B 225 -5.28 -13.48 -29.92
C HIS B 225 -6.21 -14.66 -29.73
N ASP B 226 -5.64 -15.86 -29.72
CA ASP B 226 -6.43 -17.07 -29.57
C ASP B 226 -6.46 -17.65 -28.16
N ILE B 227 -7.62 -18.17 -27.78
CA ILE B 227 -7.79 -18.81 -26.48
C ILE B 227 -8.01 -20.28 -26.83
N LEU B 228 -7.18 -21.17 -26.29
CA LEU B 228 -7.28 -22.60 -26.57
C LEU B 228 -8.14 -23.38 -25.59
N SER B 229 -8.19 -22.95 -24.35
CA SER B 229 -8.96 -23.64 -23.32
C SER B 229 -9.20 -22.68 -22.19
N TRP B 230 -10.11 -23.02 -21.28
CA TRP B 230 -10.41 -22.12 -20.17
C TRP B 230 -11.29 -22.76 -19.12
N SER B 231 -10.84 -22.71 -17.86
CA SER B 231 -11.61 -23.25 -16.76
C SER B 231 -11.74 -22.14 -15.74
N PHE B 232 -12.86 -22.11 -15.03
CA PHE B 232 -13.09 -21.08 -14.05
C PHE B 232 -13.76 -21.71 -12.86
N SER B 233 -13.42 -21.24 -11.69
CA SER B 233 -13.99 -21.76 -10.48
C SER B 233 -14.06 -20.64 -9.47
N ALA B 234 -15.25 -20.44 -8.89
CA ALA B 234 -15.47 -19.41 -7.89
C ALA B 234 -16.24 -19.99 -6.70
N SER B 235 -15.86 -19.57 -5.51
CA SER B 235 -16.52 -20.06 -4.30
C SER B 235 -16.91 -18.91 -3.38
N LEU B 236 -18.21 -18.67 -3.25
CA LEU B 236 -18.73 -17.60 -2.40
C LEU B 236 -19.23 -18.25 -1.11
N PRO B 237 -18.42 -18.23 -0.04
CA PRO B 237 -18.81 -18.84 1.22
C PRO B 237 -20.19 -18.40 1.72
N GLY B 238 -20.64 -17.23 1.28
CA GLY B 238 -21.94 -16.74 1.70
C GLY B 238 -23.08 -17.65 1.27
N LYS C 2 14.51 11.97 -9.12
CA LYS C 2 14.42 13.44 -9.35
C LYS C 2 13.68 14.16 -8.22
N THR C 3 14.14 15.37 -7.91
CA THR C 3 13.52 16.17 -6.86
C THR C 3 13.39 17.61 -7.31
N ILE C 4 12.23 18.21 -7.05
CA ILE C 4 11.98 19.59 -7.43
C ILE C 4 11.43 20.35 -6.22
N SER C 5 12.04 21.47 -5.90
CA SER C 5 11.58 22.29 -4.79
C SER C 5 11.81 23.76 -5.07
N PHE C 6 10.89 24.58 -4.58
CA PHE C 6 10.99 26.01 -4.75
C PHE C 6 10.33 26.68 -3.57
N ASN C 7 10.84 27.86 -3.21
CA ASN C 7 10.31 28.59 -2.08
C ASN C 7 10.11 30.06 -2.39
N PHE C 8 9.01 30.61 -1.86
CA PHE C 8 8.69 32.02 -2.03
C PHE C 8 8.35 32.55 -0.66
N ASN C 9 9.29 33.29 -0.05
CA ASN C 9 9.05 33.87 1.27
C ASN C 9 8.15 35.07 1.07
N GLN C 10 8.34 35.73 -0.06
CA GLN C 10 7.56 36.90 -0.44
C GLN C 10 7.43 36.86 -1.96
N PHE C 11 6.50 37.63 -2.49
CA PHE C 11 6.30 37.68 -3.93
C PHE C 11 6.78 39.01 -4.47
N HIS C 12 7.81 38.95 -5.31
CA HIS C 12 8.40 40.15 -5.91
C HIS C 12 7.71 40.44 -7.24
N GLN C 13 8.01 41.61 -7.79
CA GLN C 13 7.44 42.03 -9.06
C GLN C 13 7.96 41.14 -10.19
N ASN C 14 7.16 40.14 -10.57
CA ASN C 14 7.52 39.21 -11.63
C ASN C 14 8.83 38.47 -11.35
N GLU C 15 8.74 37.26 -10.82
CA GLU C 15 9.94 36.48 -10.53
C GLU C 15 10.29 35.63 -11.75
N GLU C 16 9.36 35.58 -12.70
CA GLU C 16 9.55 34.77 -13.91
C GLU C 16 9.45 33.31 -13.52
N GLN C 17 9.14 33.08 -12.25
CA GLN C 17 8.98 31.74 -11.69
C GLN C 17 7.48 31.48 -11.65
N LEU C 18 6.71 32.56 -11.65
CA LEU C 18 5.27 32.48 -11.61
C LEU C 18 4.66 32.89 -12.94
N LYS C 19 3.50 32.33 -13.22
CA LYS C 19 2.78 32.65 -14.43
C LYS C 19 1.43 33.11 -13.90
N LEU C 20 1.14 34.40 -14.04
CA LEU C 20 -0.12 34.95 -13.55
C LEU C 20 -1.14 35.03 -14.67
N GLN C 21 -2.41 34.82 -14.32
CA GLN C 21 -3.49 34.85 -15.31
C GLN C 21 -4.70 35.60 -14.80
N ARG C 22 -5.40 36.26 -15.71
CA ARG C 22 -6.58 37.04 -15.37
C ARG C 22 -6.28 38.16 -14.37
N ASP C 23 -7.02 38.20 -13.27
CA ASP C 23 -6.83 39.25 -12.27
C ASP C 23 -5.66 39.06 -11.28
N ALA C 24 -5.00 37.91 -11.34
CA ALA C 24 -3.88 37.66 -10.44
C ALA C 24 -2.88 38.82 -10.54
N ARG C 25 -2.62 39.47 -9.42
CA ARG C 25 -1.71 40.61 -9.40
C ARG C 25 -0.86 40.61 -8.13
N ILE C 26 0.42 40.94 -8.27
CA ILE C 26 1.33 41.01 -7.14
C ILE C 26 1.39 42.46 -6.66
N SER C 27 1.06 42.68 -5.39
CA SER C 27 1.07 44.02 -4.83
C SER C 27 2.48 44.55 -4.60
N SER C 28 2.60 45.87 -4.47
CA SER C 28 3.91 46.50 -4.26
C SER C 28 4.55 46.03 -2.96
N ASN C 29 3.74 45.54 -2.02
CA ASN C 29 4.27 45.07 -0.76
C ASN C 29 4.39 43.54 -0.62
N SER C 30 4.65 42.88 -1.74
CA SER C 30 4.85 41.43 -1.75
C SER C 30 3.73 40.41 -1.56
N VAL C 31 2.47 40.79 -1.70
CA VAL C 31 1.42 39.80 -1.55
C VAL C 31 0.80 39.42 -2.90
N LEU C 32 0.59 38.12 -3.10
CA LEU C 32 -0.01 37.62 -4.32
C LEU C 32 -1.51 37.77 -4.16
N GLU C 33 -2.11 38.65 -4.94
CA GLU C 33 -3.55 38.87 -4.89
C GLU C 33 -4.14 38.14 -6.07
N LEU C 34 -4.77 37.00 -5.80
CA LEU C 34 -5.35 36.19 -6.86
C LEU C 34 -6.51 36.93 -7.53
N THR C 35 -7.29 37.62 -6.72
CA THR C 35 -8.43 38.36 -7.26
C THR C 35 -8.33 39.87 -7.04
N LYS C 36 -9.11 40.60 -7.85
CA LYS C 36 -9.14 42.05 -7.85
C LYS C 36 -9.53 42.74 -6.53
N VAL C 37 -8.70 43.71 -6.15
CA VAL C 37 -8.93 44.51 -4.97
C VAL C 37 -8.47 45.93 -5.33
N VAL C 38 -9.42 46.84 -5.46
CA VAL C 38 -9.13 48.22 -5.83
C VAL C 38 -9.28 49.18 -4.65
N ASN C 39 -8.26 50.00 -4.45
CA ASN C 39 -8.26 50.98 -3.37
C ASN C 39 -8.68 50.35 -2.03
N GLY C 40 -8.11 49.17 -1.75
CA GLY C 40 -8.39 48.47 -0.51
C GLY C 40 -9.74 47.79 -0.43
N VAL C 41 -10.41 47.68 -1.58
CA VAL C 41 -11.73 47.07 -1.62
C VAL C 41 -11.81 45.98 -2.68
N PRO C 42 -12.20 44.76 -2.29
CA PRO C 42 -12.30 43.67 -3.26
C PRO C 42 -13.58 43.86 -4.09
N THR C 43 -13.48 43.60 -5.39
CA THR C 43 -14.63 43.73 -6.27
C THR C 43 -15.14 42.35 -6.67
N TRP C 44 -16.36 42.30 -7.20
CA TRP C 44 -16.96 41.04 -7.63
C TRP C 44 -16.51 40.77 -9.06
N ASN C 45 -17.15 39.79 -9.71
CA ASN C 45 -16.84 39.43 -11.08
C ASN C 45 -15.34 39.35 -11.30
N SER C 46 -14.63 38.78 -10.33
CA SER C 46 -13.18 38.64 -10.42
C SER C 46 -12.68 37.20 -10.34
N THR C 47 -11.74 36.88 -11.21
CA THR C 47 -11.12 35.55 -11.27
C THR C 47 -9.64 35.70 -11.56
N GLY C 48 -8.81 34.89 -10.91
CA GLY C 48 -7.38 34.96 -11.12
C GLY C 48 -6.64 33.71 -10.69
N ARG C 49 -5.53 33.42 -11.35
CA ARG C 49 -4.74 32.24 -11.03
C ARG C 49 -3.26 32.57 -11.06
N ALA C 50 -2.48 31.76 -10.35
CA ALA C 50 -1.04 31.92 -10.29
C ALA C 50 -0.46 30.51 -10.39
N LEU C 51 0.24 30.23 -11.49
CA LEU C 51 0.85 28.94 -11.71
C LEU C 51 2.38 28.99 -11.65
N TYR C 52 2.99 27.93 -11.15
CA TYR C 52 4.44 27.86 -11.11
C TYR C 52 4.84 27.66 -12.59
N ALA C 53 5.77 28.48 -13.06
CA ALA C 53 6.22 28.46 -14.45
C ALA C 53 6.71 27.12 -15.02
N LYS C 54 7.39 26.33 -14.20
CA LYS C 54 7.90 25.05 -14.68
C LYS C 54 6.96 23.88 -14.44
N PRO C 55 6.82 22.99 -15.43
CA PRO C 55 5.94 21.84 -15.26
C PRO C 55 6.64 20.83 -14.35
N VAL C 56 5.87 20.13 -13.53
CA VAL C 56 6.44 19.15 -12.63
C VAL C 56 5.91 17.77 -12.98
N GLN C 57 6.81 16.80 -13.07
CA GLN C 57 6.42 15.43 -13.40
C GLN C 57 5.91 14.76 -12.13
N VAL C 58 4.64 14.37 -12.10
CA VAL C 58 4.09 13.71 -10.92
C VAL C 58 4.16 12.20 -10.94
N TRP C 59 4.33 11.61 -12.13
CA TRP C 59 4.48 10.16 -12.25
C TRP C 59 5.23 9.82 -13.53
N ASP C 60 5.80 8.62 -13.57
CA ASP C 60 6.59 8.18 -14.71
C ASP C 60 6.04 6.89 -15.32
N SER C 61 5.69 6.95 -16.61
CA SER C 61 5.13 5.78 -17.30
C SER C 61 6.14 4.65 -17.52
N THR C 62 7.41 4.99 -17.62
CA THR C 62 8.44 3.97 -17.83
C THR C 62 8.59 3.06 -16.61
N THR C 63 8.41 3.61 -15.41
CA THR C 63 8.55 2.84 -14.18
C THR C 63 7.23 2.63 -13.44
N GLY C 64 6.23 3.44 -13.79
CA GLY C 64 4.94 3.34 -13.13
C GLY C 64 4.95 4.06 -11.80
N ASN C 65 6.11 4.58 -11.41
CA ASN C 65 6.28 5.29 -10.15
C ASN C 65 5.55 6.63 -10.04
N VAL C 66 5.06 6.93 -8.84
CA VAL C 66 4.34 8.17 -8.58
C VAL C 66 5.12 9.01 -7.58
N ALA C 67 5.11 10.32 -7.77
CA ALA C 67 5.83 11.21 -6.88
C ALA C 67 5.05 11.54 -5.62
N SER C 68 5.80 11.84 -4.57
CA SER C 68 5.22 12.25 -3.30
C SER C 68 5.53 13.75 -3.22
N PHE C 69 4.65 14.53 -2.62
CA PHE C 69 4.92 15.95 -2.52
C PHE C 69 4.34 16.59 -1.29
N GLU C 70 4.95 17.70 -0.91
CA GLU C 70 4.52 18.48 0.23
C GLU C 70 4.57 19.94 -0.17
N THR C 71 3.50 20.68 0.12
CA THR C 71 3.48 22.08 -0.20
C THR C 71 2.92 22.83 1.01
N ARG C 72 3.50 23.99 1.28
CA ARG C 72 3.08 24.81 2.40
C ARG C 72 2.89 26.23 1.92
N PHE C 73 1.86 26.88 2.44
CA PHE C 73 1.60 28.26 2.08
C PHE C 73 0.72 28.96 3.11
N SER C 74 0.79 30.28 3.11
CA SER C 74 -0.02 31.08 4.01
C SER C 74 -0.90 31.93 3.13
N PHE C 75 -2.12 32.13 3.57
CA PHE C 75 -3.04 32.94 2.79
C PHE C 75 -3.86 33.80 3.72
N SER C 76 -4.61 34.73 3.16
CA SER C 76 -5.45 35.58 3.96
C SER C 76 -6.71 35.90 3.18
N ILE C 77 -7.85 35.72 3.81
CA ILE C 77 -9.11 36.02 3.18
C ILE C 77 -9.76 37.08 4.04
N ARG C 78 -9.99 38.28 3.49
CA ARG C 78 -10.63 39.34 4.24
C ARG C 78 -12.00 39.59 3.67
N GLN C 79 -13.01 39.52 4.53
CA GLN C 79 -14.40 39.73 4.13
C GLN C 79 -14.92 41.01 4.76
N PRO C 80 -14.83 42.14 4.03
CA PRO C 80 -15.29 43.45 4.49
C PRO C 80 -16.81 43.57 4.46
N PHE C 81 -17.42 42.84 3.54
CA PHE C 81 -18.88 42.86 3.38
C PHE C 81 -19.49 41.57 3.87
N PRO C 82 -19.82 41.52 5.18
CA PRO C 82 -20.41 40.34 5.80
C PRO C 82 -21.87 40.10 5.44
N ARG C 83 -22.69 41.14 5.56
CA ARG C 83 -24.12 41.06 5.32
C ARG C 83 -24.67 40.13 4.24
N PRO C 84 -24.39 40.40 2.96
CA PRO C 84 -24.95 39.46 1.98
C PRO C 84 -24.34 38.07 2.14
N HIS C 85 -23.17 37.87 1.54
CA HIS C 85 -22.48 36.58 1.61
C HIS C 85 -21.16 36.66 0.85
N PRO C 86 -20.04 36.55 1.56
CA PRO C 86 -18.73 36.60 0.88
C PRO C 86 -18.64 35.46 -0.14
N ALA C 87 -17.80 35.64 -1.17
CA ALA C 87 -17.64 34.64 -2.21
C ALA C 87 -16.36 34.91 -2.98
N ASP C 88 -15.73 33.89 -3.58
CA ASP C 88 -16.19 32.49 -3.52
C ASP C 88 -15.20 31.60 -2.77
N GLY C 89 -13.90 31.92 -2.87
CA GLY C 89 -12.90 31.13 -2.20
C GLY C 89 -11.69 30.91 -3.09
N LEU C 90 -10.68 30.22 -2.56
CA LEU C 90 -9.47 29.95 -3.33
C LEU C 90 -9.14 28.47 -3.26
N VAL C 91 -8.35 28.01 -4.20
CA VAL C 91 -7.96 26.61 -4.21
C VAL C 91 -6.51 26.46 -4.62
N PHE C 92 -5.92 25.35 -4.19
CA PHE C 92 -4.57 25.01 -4.59
C PHE C 92 -4.91 23.88 -5.56
N PHE C 93 -4.40 23.94 -6.78
CA PHE C 93 -4.72 22.87 -7.72
C PHE C 93 -3.52 22.36 -8.50
N ILE C 94 -3.72 21.19 -9.10
CA ILE C 94 -2.73 20.52 -9.94
C ILE C 94 -3.52 20.18 -11.19
N ALA C 95 -3.02 20.58 -12.35
CA ALA C 95 -3.72 20.31 -13.58
C ALA C 95 -2.78 20.12 -14.75
N PRO C 96 -3.31 19.67 -15.90
CA PRO C 96 -2.42 19.48 -17.06
C PRO C 96 -1.80 20.83 -17.34
N PRO C 97 -0.62 20.85 -17.94
CA PRO C 97 0.01 22.15 -18.24
C PRO C 97 -0.68 22.90 -19.37
N ASN C 98 -0.45 24.21 -19.42
CA ASN C 98 -1.00 25.10 -20.45
C ASN C 98 -2.51 25.25 -20.46
N THR C 99 -3.17 25.05 -19.33
CA THR C 99 -4.62 25.23 -19.27
C THR C 99 -4.88 26.72 -19.14
N GLN C 100 -6.13 27.11 -19.38
CA GLN C 100 -6.52 28.50 -19.24
C GLN C 100 -7.56 28.59 -18.13
N THR C 101 -7.78 29.78 -17.60
CA THR C 101 -8.74 29.97 -16.53
C THR C 101 -10.13 29.48 -16.89
N GLY C 102 -10.72 28.69 -16.00
CA GLY C 102 -12.06 28.18 -16.24
C GLY C 102 -13.11 29.20 -15.84
N GLU C 103 -14.30 28.69 -15.52
CA GLU C 103 -15.42 29.54 -15.11
C GLU C 103 -15.16 30.10 -13.71
N GLY C 104 -15.67 31.31 -13.44
CA GLY C 104 -15.48 31.93 -12.15
C GLY C 104 -16.50 31.47 -11.13
N GLY C 105 -16.89 32.36 -10.23
CA GLY C 105 -17.86 32.00 -9.21
C GLY C 105 -17.50 30.75 -8.44
N GLY C 106 -18.51 29.91 -8.18
CA GLY C 106 -18.30 28.68 -7.44
C GLY C 106 -17.32 27.69 -8.07
N TYR C 107 -16.87 27.99 -9.28
CA TYR C 107 -15.92 27.11 -9.96
C TYR C 107 -14.47 27.48 -9.71
N PHE C 108 -14.25 28.59 -9.02
CA PHE C 108 -12.91 29.05 -8.64
C PHE C 108 -11.94 29.32 -9.79
N GLY C 109 -12.41 29.22 -11.02
CA GLY C 109 -11.53 29.44 -12.15
C GLY C 109 -10.77 28.19 -12.60
N ILE C 110 -11.12 27.03 -12.07
CA ILE C 110 -10.45 25.79 -12.48
C ILE C 110 -11.33 24.87 -13.32
N TYR C 111 -12.64 25.05 -13.24
CA TYR C 111 -13.57 24.23 -14.02
C TYR C 111 -14.00 24.97 -15.30
N ASN C 112 -13.98 24.25 -16.43
CA ASN C 112 -14.37 24.81 -17.71
C ASN C 112 -15.33 23.88 -18.45
N PRO C 113 -16.64 24.13 -18.34
CA PRO C 113 -17.69 23.32 -18.98
C PRO C 113 -17.52 23.11 -20.50
N LEU C 114 -17.02 24.13 -21.19
CA LEU C 114 -16.84 24.03 -22.64
C LEU C 114 -15.92 22.90 -23.06
N SER C 115 -14.87 22.68 -22.28
CA SER C 115 -13.89 21.62 -22.55
C SER C 115 -13.11 21.35 -21.27
N PRO C 116 -13.73 20.63 -20.32
CA PRO C 116 -13.10 20.28 -19.04
C PRO C 116 -11.78 19.54 -19.15
N TYR C 117 -10.86 19.87 -18.25
CA TYR C 117 -9.56 19.19 -18.18
C TYR C 117 -9.48 18.62 -16.76
N PRO C 118 -8.73 17.51 -16.59
CA PRO C 118 -8.60 16.90 -15.27
C PRO C 118 -7.86 17.76 -14.26
N PHE C 119 -8.18 17.56 -12.98
CA PHE C 119 -7.53 18.30 -11.92
C PHE C 119 -7.80 17.76 -10.52
N VAL C 120 -6.85 18.02 -9.64
CA VAL C 120 -6.95 17.66 -8.24
C VAL C 120 -6.73 19.00 -7.55
N ALA C 121 -7.57 19.31 -6.57
CA ALA C 121 -7.42 20.57 -5.89
C ALA C 121 -7.93 20.53 -4.48
N VAL C 122 -7.37 21.39 -3.65
CA VAL C 122 -7.80 21.52 -2.28
C VAL C 122 -8.44 22.90 -2.25
N GLU C 123 -9.71 22.95 -1.88
CA GLU C 123 -10.43 24.21 -1.87
C GLU C 123 -10.75 24.72 -0.48
N PHE C 124 -10.83 26.04 -0.39
CA PHE C 124 -11.19 26.72 0.84
C PHE C 124 -12.38 27.53 0.34
N ASP C 125 -13.54 26.93 0.53
CA ASP C 125 -14.81 27.45 0.06
C ASP C 125 -15.52 28.35 1.04
N THR C 126 -15.97 29.50 0.58
CA THR C 126 -16.65 30.46 1.45
C THR C 126 -18.10 30.75 1.06
N PHE C 127 -18.51 30.30 -0.11
CA PHE C 127 -19.89 30.51 -0.56
C PHE C 127 -20.58 29.15 -0.70
N ARG C 128 -21.81 29.04 -0.22
CA ARG C 128 -22.53 27.76 -0.32
C ARG C 128 -23.29 27.60 -1.62
N ASN C 129 -22.67 26.95 -2.61
CA ASN C 129 -23.34 26.70 -3.88
C ASN C 129 -24.37 25.60 -3.65
N THR C 130 -25.13 25.23 -4.69
CA THR C 130 -26.15 24.20 -4.52
C THR C 130 -25.51 22.88 -4.10
N TRP C 131 -24.37 22.58 -4.71
CA TRP C 131 -23.65 21.34 -4.45
C TRP C 131 -22.80 21.37 -3.18
N ASP C 132 -22.93 22.44 -2.39
CA ASP C 132 -22.13 22.58 -1.18
C ASP C 132 -22.76 22.34 0.16
N PRO C 133 -21.92 21.97 1.14
CA PRO C 133 -22.32 21.71 2.52
C PRO C 133 -22.13 23.09 3.18
N GLN C 134 -22.27 23.15 4.50
CA GLN C 134 -22.12 24.41 5.20
C GLN C 134 -20.76 25.07 4.93
N ILE C 135 -20.75 26.39 4.77
CA ILE C 135 -19.49 27.09 4.55
C ILE C 135 -19.16 27.90 5.80
N PRO C 136 -17.87 28.24 5.98
CA PRO C 136 -16.77 27.87 5.09
C PRO C 136 -16.37 26.41 5.31
N HIS C 137 -15.63 25.84 4.36
CA HIS C 137 -15.17 24.47 4.49
C HIS C 137 -13.99 24.17 3.60
N ILE C 138 -13.18 23.21 4.04
CA ILE C 138 -12.06 22.75 3.24
C ILE C 138 -12.66 21.61 2.44
N GLY C 139 -12.17 21.40 1.22
CA GLY C 139 -12.69 20.32 0.43
C GLY C 139 -11.61 19.77 -0.47
N ILE C 140 -11.70 18.48 -0.78
CA ILE C 140 -10.74 17.84 -1.67
C ILE C 140 -11.55 17.54 -2.92
N ASP C 141 -11.11 18.12 -4.04
CA ASP C 141 -11.81 17.99 -5.31
C ASP C 141 -11.02 17.21 -6.33
N VAL C 142 -11.66 16.19 -6.89
CA VAL C 142 -11.02 15.39 -7.91
C VAL C 142 -11.86 15.50 -9.16
N ASN C 143 -11.30 16.19 -10.16
CA ASN C 143 -11.96 16.42 -11.44
C ASN C 143 -13.27 17.20 -11.39
N SER C 144 -13.76 17.51 -10.20
CA SER C 144 -14.99 18.27 -10.11
C SER C 144 -14.98 19.12 -8.84
N VAL C 145 -15.93 20.05 -8.75
CA VAL C 145 -16.04 20.93 -7.60
C VAL C 145 -16.92 20.33 -6.51
N ILE C 146 -17.56 19.22 -6.82
CA ILE C 146 -18.37 18.53 -5.84
C ILE C 146 -17.34 17.66 -5.11
N SER C 147 -16.87 18.16 -3.97
CA SER C 147 -15.84 17.52 -3.15
C SER C 147 -16.07 16.06 -2.75
N THR C 148 -15.00 15.26 -2.77
CA THR C 148 -15.12 13.86 -2.38
C THR C 148 -15.26 13.85 -0.85
N LYS C 149 -14.57 14.78 -0.21
CA LYS C 149 -14.59 14.89 1.24
C LYS C 149 -14.62 16.38 1.64
N THR C 150 -15.25 16.67 2.77
CA THR C 150 -15.36 18.05 3.24
C THR C 150 -15.36 18.17 4.75
N VAL C 151 -14.71 19.23 5.24
CA VAL C 151 -14.65 19.49 6.68
C VAL C 151 -14.88 21.00 6.85
N PRO C 152 -15.72 21.39 7.81
CA PRO C 152 -16.00 22.82 8.03
C PRO C 152 -14.98 23.52 8.93
N PHE C 153 -14.85 24.83 8.76
CA PHE C 153 -13.93 25.60 9.58
C PHE C 153 -14.45 27.02 9.78
N THR C 154 -13.85 27.72 10.74
CA THR C 154 -14.24 29.08 11.04
C THR C 154 -13.08 29.99 10.63
N LEU C 155 -13.33 30.86 9.66
CA LEU C 155 -12.32 31.76 9.16
C LEU C 155 -11.88 32.82 10.18
N ASP C 156 -10.61 33.18 10.14
CA ASP C 156 -10.08 34.23 11.01
C ASP C 156 -10.05 35.42 10.07
N ASN C 157 -11.18 36.12 9.97
CA ASN C 157 -11.34 37.26 9.07
C ASN C 157 -10.12 38.18 9.03
N GLY C 158 -9.49 38.24 7.86
CA GLY C 158 -8.33 39.10 7.71
C GLY C 158 -7.08 38.52 8.36
N GLY C 159 -7.24 37.41 9.07
CA GLY C 159 -6.11 36.79 9.73
C GLY C 159 -5.26 35.97 8.79
N ILE C 160 -4.12 35.48 9.29
CA ILE C 160 -3.22 34.66 8.47
C ILE C 160 -3.51 33.19 8.70
N ALA C 161 -3.46 32.41 7.62
CA ALA C 161 -3.72 30.97 7.71
C ALA C 161 -2.54 30.17 7.20
N ASN C 162 -2.19 29.12 7.92
CA ASN C 162 -1.08 28.25 7.53
C ASN C 162 -1.63 26.93 7.04
N VAL C 163 -1.29 26.57 5.81
CA VAL C 163 -1.76 25.34 5.23
C VAL C 163 -0.61 24.38 4.91
N VAL C 164 -0.83 23.11 5.20
CA VAL C 164 0.15 22.09 4.88
C VAL C 164 -0.59 21.03 4.08
N ILE C 165 -0.10 20.74 2.87
CA ILE C 165 -0.72 19.72 2.03
C ILE C 165 0.38 18.72 1.69
N LYS C 166 0.16 17.49 2.11
CA LYS C 166 1.12 16.43 1.88
C LYS C 166 0.48 15.29 1.10
N TYR C 167 1.25 14.69 0.19
CA TYR C 167 0.76 13.57 -0.59
C TYR C 167 1.77 12.42 -0.55
N ASP C 168 1.36 11.30 0.04
CA ASP C 168 2.21 10.14 0.16
C ASP C 168 1.82 9.12 -0.95
N ALA C 169 2.70 8.96 -1.94
CA ALA C 169 2.44 8.06 -3.06
C ALA C 169 2.26 6.59 -2.68
N SER C 170 3.00 6.13 -1.68
CA SER C 170 2.89 4.73 -1.28
C SER C 170 1.53 4.38 -0.67
N THR C 171 0.83 5.35 -0.08
CA THR C 171 -0.48 5.07 0.50
C THR C 171 -1.59 5.77 -0.24
N LYS C 172 -1.22 6.65 -1.16
CA LYS C 172 -2.18 7.40 -1.95
C LYS C 172 -3.02 8.33 -1.08
N ILE C 173 -2.49 8.70 0.08
CA ILE C 173 -3.21 9.58 0.98
C ILE C 173 -2.86 11.06 0.78
N LEU C 174 -3.87 11.88 0.55
CA LEU C 174 -3.68 13.31 0.40
C LEU C 174 -4.21 13.92 1.69
N HIS C 175 -3.32 14.41 2.54
CA HIS C 175 -3.75 15.01 3.79
C HIS C 175 -3.45 16.49 3.82
N VAL C 176 -4.41 17.27 4.34
CA VAL C 176 -4.23 18.71 4.42
C VAL C 176 -4.53 19.23 5.83
N VAL C 177 -3.73 20.21 6.23
CA VAL C 177 -3.89 20.79 7.55
C VAL C 177 -4.06 22.29 7.39
N LEU C 178 -5.05 22.82 8.10
CA LEU C 178 -5.32 24.25 8.09
C LEU C 178 -5.14 24.78 9.50
N VAL C 179 -4.28 25.78 9.66
CA VAL C 179 -4.07 26.36 10.97
C VAL C 179 -4.13 27.89 10.97
N PHE C 180 -4.86 28.43 11.92
CA PHE C 180 -5.02 29.87 12.09
C PHE C 180 -4.25 30.16 13.37
N PRO C 181 -2.96 30.47 13.25
CA PRO C 181 -2.13 30.75 14.43
C PRO C 181 -2.71 31.72 15.48
N SER C 182 -3.30 32.83 15.06
CA SER C 182 -3.87 33.77 16.02
C SER C 182 -4.92 33.12 16.93
N LEU C 183 -5.81 32.36 16.33
CA LEU C 183 -6.87 31.68 17.09
C LEU C 183 -6.38 30.35 17.65
N GLY C 184 -5.30 29.84 17.09
CA GLY C 184 -4.77 28.56 17.55
C GLY C 184 -5.65 27.37 17.21
N THR C 185 -6.51 27.52 16.19
CA THR C 185 -7.38 26.43 15.77
C THR C 185 -6.73 25.53 14.73
N ILE C 186 -7.03 24.23 14.80
CA ILE C 186 -6.47 23.26 13.89
C ILE C 186 -7.54 22.43 13.20
N TYR C 187 -7.49 22.41 11.87
CA TYR C 187 -8.45 21.67 11.05
C TYR C 187 -7.69 20.69 10.18
N THR C 188 -8.24 19.48 10.06
CA THR C 188 -7.59 18.47 9.25
C THR C 188 -8.58 17.67 8.42
N ILE C 189 -8.13 17.25 7.24
CA ILE C 189 -8.93 16.46 6.33
C ILE C 189 -8.00 15.65 5.45
N ALA C 190 -8.38 14.41 5.16
CA ALA C 190 -7.55 13.55 4.33
C ALA C 190 -8.44 12.68 3.46
N ASP C 191 -7.87 12.18 2.37
CA ASP C 191 -8.61 11.32 1.48
C ASP C 191 -7.63 10.60 0.55
N ILE C 192 -8.06 9.45 0.04
CA ILE C 192 -7.23 8.66 -0.86
C ILE C 192 -7.45 9.15 -2.28
N VAL C 193 -6.35 9.47 -2.96
CA VAL C 193 -6.41 9.97 -4.32
C VAL C 193 -5.30 9.35 -5.15
N ASP C 194 -5.66 8.79 -6.30
CA ASP C 194 -4.69 8.17 -7.18
C ASP C 194 -4.34 9.10 -8.33
N LEU C 195 -3.27 9.88 -8.15
CA LEU C 195 -2.83 10.85 -9.15
C LEU C 195 -2.54 10.25 -10.51
N LYS C 196 -1.96 9.07 -10.49
CA LYS C 196 -1.59 8.35 -11.70
C LYS C 196 -2.84 8.02 -12.50
N GLN C 197 -3.95 7.90 -11.79
CA GLN C 197 -5.21 7.55 -12.42
C GLN C 197 -6.00 8.78 -12.89
N VAL C 198 -5.64 9.97 -12.42
CA VAL C 198 -6.38 11.16 -12.81
C VAL C 198 -5.63 12.18 -13.67
N LEU C 199 -4.34 12.32 -13.42
CA LEU C 199 -3.55 13.31 -14.13
C LEU C 199 -2.48 12.75 -15.05
N PRO C 200 -2.02 13.58 -16.01
CA PRO C 200 -0.98 13.17 -16.95
C PRO C 200 0.36 13.24 -16.21
N GLU C 201 1.40 12.65 -16.79
CA GLU C 201 2.72 12.62 -16.16
C GLU C 201 3.26 13.99 -15.74
N SER C 202 3.06 15.01 -16.57
CA SER C 202 3.54 16.35 -16.25
C SER C 202 2.37 17.29 -15.98
N VAL C 203 2.46 18.07 -14.92
CA VAL C 203 1.40 19.00 -14.55
C VAL C 203 1.91 20.35 -14.09
N ASN C 204 0.97 21.24 -13.82
CA ASN C 204 1.27 22.58 -13.31
C ASN C 204 0.60 22.62 -11.94
N VAL C 205 1.24 23.31 -11.01
CA VAL C 205 0.70 23.46 -9.67
C VAL C 205 0.51 24.96 -9.46
N GLY C 206 -0.47 25.33 -8.65
CA GLY C 206 -0.69 26.74 -8.41
C GLY C 206 -1.97 27.01 -7.64
N PHE C 207 -2.40 28.27 -7.66
CA PHE C 207 -3.61 28.67 -6.96
C PHE C 207 -4.58 29.33 -7.92
N SER C 208 -5.83 29.36 -7.52
CA SER C 208 -6.86 29.98 -8.33
C SER C 208 -7.92 30.44 -7.35
N ALA C 209 -8.58 31.55 -7.65
CA ALA C 209 -9.61 32.08 -6.78
C ALA C 209 -10.63 32.87 -7.56
N ALA C 210 -11.76 33.15 -6.94
CA ALA C 210 -12.80 33.91 -7.62
C ALA C 210 -13.73 34.60 -6.65
N THR C 211 -14.26 35.75 -7.09
CA THR C 211 -15.20 36.51 -6.29
C THR C 211 -16.60 36.32 -6.90
N GLY C 212 -17.63 36.83 -6.22
CA GLY C 212 -19.00 36.69 -6.69
C GLY C 212 -19.23 36.84 -8.17
N ASP C 213 -20.09 35.99 -8.71
CA ASP C 213 -20.42 36.04 -10.13
C ASP C 213 -21.55 37.03 -10.34
N PRO C 214 -21.53 37.77 -11.47
CA PRO C 214 -22.56 38.76 -11.79
C PRO C 214 -23.98 38.18 -11.69
N SER C 215 -24.15 36.94 -12.16
CA SER C 215 -25.44 36.29 -12.13
C SER C 215 -26.03 36.22 -10.72
N GLY C 216 -25.21 36.46 -9.71
CA GLY C 216 -25.68 36.42 -8.34
C GLY C 216 -26.39 37.71 -7.97
N LYS C 217 -26.19 38.74 -8.81
CA LYS C 217 -26.80 40.06 -8.62
C LYS C 217 -26.36 40.76 -7.34
N GLN C 218 -25.25 40.33 -6.75
CA GLN C 218 -24.78 40.93 -5.49
C GLN C 218 -23.34 41.39 -5.54
N ARG C 219 -23.13 42.71 -5.44
CA ARG C 219 -21.79 43.26 -5.49
C ARG C 219 -20.96 42.99 -4.23
N ASN C 220 -21.61 42.84 -3.08
CA ASN C 220 -20.90 42.57 -1.84
C ASN C 220 -20.44 41.11 -1.76
N ALA C 221 -20.73 40.34 -2.82
CA ALA C 221 -20.33 38.94 -2.85
C ALA C 221 -18.87 38.89 -3.25
N THR C 222 -18.00 39.28 -2.32
CA THR C 222 -16.57 39.31 -2.61
C THR C 222 -15.79 39.26 -1.32
N GLU C 223 -14.48 39.15 -1.45
CA GLU C 223 -13.57 39.07 -0.31
C GLU C 223 -12.20 39.08 -0.96
N THR C 224 -11.14 39.03 -0.15
CA THR C 224 -9.80 38.98 -0.72
C THR C 224 -9.31 37.54 -0.73
N HIS C 225 -8.31 37.27 -1.56
CA HIS C 225 -7.70 35.94 -1.67
C HIS C 225 -6.21 36.21 -1.89
N ASP C 226 -5.52 36.50 -0.80
CA ASP C 226 -4.09 36.79 -0.86
C ASP C 226 -3.21 35.64 -0.42
N ILE C 227 -2.15 35.40 -1.20
CA ILE C 227 -1.19 34.36 -0.90
C ILE C 227 0.05 35.09 -0.40
N LEU C 228 0.41 34.83 0.86
CA LEU C 228 1.55 35.49 1.48
C LEU C 228 2.89 34.81 1.24
N SER C 229 2.89 33.47 1.26
CA SER C 229 4.11 32.69 1.03
C SER C 229 3.75 31.30 0.49
N TRP C 230 4.74 30.62 -0.09
CA TRP C 230 4.48 29.32 -0.68
C TRP C 230 5.74 28.56 -1.02
N SER C 231 5.86 27.35 -0.47
CA SER C 231 7.00 26.49 -0.75
C SER C 231 6.46 25.17 -1.29
N PHE C 232 7.21 24.53 -2.18
CA PHE C 232 6.77 23.29 -2.78
C PHE C 232 7.91 22.30 -2.94
N SER C 233 7.65 21.06 -2.57
CA SER C 233 8.65 20.02 -2.70
C SER C 233 8.03 18.73 -3.20
N ALA C 234 8.65 18.10 -4.19
CA ALA C 234 8.15 16.85 -4.75
C ALA C 234 9.30 15.97 -5.22
N SER C 235 9.23 14.67 -4.91
CA SER C 235 10.27 13.74 -5.33
C SER C 235 9.72 12.51 -6.02
N LEU C 236 10.29 12.20 -7.18
CA LEU C 236 9.88 11.05 -7.96
C LEU C 236 11.03 10.05 -8.02
N PRO C 237 10.96 8.96 -7.23
CA PRO C 237 12.01 7.95 -7.21
C PRO C 237 12.29 7.36 -8.60
N GLY C 238 11.22 7.17 -9.37
CA GLY C 238 11.37 6.63 -10.71
C GLY C 238 12.10 7.57 -11.66
N LYS D 2 -24.82 6.01 17.83
CA LYS D 2 -24.33 6.07 19.23
C LYS D 2 -23.00 6.81 19.28
N THR D 3 -22.94 7.88 20.07
CA THR D 3 -21.73 8.67 20.19
C THR D 3 -21.29 8.86 21.64
N ILE D 4 -19.99 8.80 21.86
CA ILE D 4 -19.42 9.00 23.20
C ILE D 4 -18.35 10.09 23.11
N SER D 5 -18.39 11.04 24.03
CA SER D 5 -17.43 12.11 24.04
C SER D 5 -17.11 12.56 25.45
N PHE D 6 -15.87 12.97 25.67
CA PHE D 6 -15.45 13.44 26.98
C PHE D 6 -14.32 14.44 26.81
N ASN D 7 -14.24 15.40 27.70
CA ASN D 7 -13.20 16.43 27.61
C ASN D 7 -12.54 16.69 28.96
N PHE D 8 -11.28 17.09 28.92
CA PHE D 8 -10.50 17.40 30.11
C PHE D 8 -9.76 18.70 29.87
N ASN D 9 -10.31 19.81 30.37
CA ASN D 9 -9.66 21.12 30.20
C ASN D 9 -8.44 21.10 31.10
N GLN D 10 -8.53 20.27 32.13
CA GLN D 10 -7.47 20.10 33.10
C GLN D 10 -7.76 18.79 33.82
N PHE D 11 -6.85 18.36 34.68
CA PHE D 11 -7.04 17.11 35.41
C PHE D 11 -7.15 17.36 36.90
N HIS D 12 -8.11 16.69 37.53
CA HIS D 12 -8.31 16.84 38.97
C HIS D 12 -8.06 15.51 39.66
N GLN D 13 -7.25 15.55 40.71
CA GLN D 13 -6.92 14.36 41.48
C GLN D 13 -8.22 13.68 41.91
N ASN D 14 -8.14 12.41 42.25
CA ASN D 14 -9.32 11.66 42.66
C ASN D 14 -10.34 11.58 41.53
N GLU D 15 -9.88 11.85 40.31
CA GLU D 15 -10.73 11.79 39.12
C GLU D 15 -11.18 10.35 38.89
N GLU D 16 -12.49 10.13 38.89
CA GLU D 16 -13.03 8.79 38.70
C GLU D 16 -13.12 8.39 37.23
N GLN D 17 -12.90 9.35 36.34
CA GLN D 17 -12.96 9.10 34.90
C GLN D 17 -11.65 8.58 34.32
N LEU D 18 -10.59 8.66 35.11
CA LEU D 18 -9.28 8.20 34.66
C LEU D 18 -8.79 7.03 35.49
N LYS D 19 -8.16 6.07 34.81
CA LYS D 19 -7.62 4.91 35.50
C LYS D 19 -6.11 5.01 35.31
N LEU D 20 -5.41 5.39 36.38
CA LEU D 20 -3.96 5.55 36.34
C LEU D 20 -3.25 4.28 36.77
N GLN D 21 -2.15 3.98 36.09
CA GLN D 21 -1.37 2.78 36.40
C GLN D 21 0.10 3.14 36.56
N ARG D 22 0.77 2.45 37.49
CA ARG D 22 2.19 2.67 37.75
C ARG D 22 2.50 4.07 38.27
N ASP D 23 3.53 4.69 37.70
CA ASP D 23 3.95 6.02 38.12
C ASP D 23 3.05 7.18 37.71
N ALA D 24 1.95 6.86 37.02
CA ALA D 24 1.02 7.90 36.58
C ALA D 24 0.42 8.67 37.76
N ARG D 25 0.65 9.99 37.78
CA ARG D 25 0.13 10.84 38.86
C ARG D 25 -0.37 12.18 38.34
N ILE D 26 -1.38 12.71 39.00
CA ILE D 26 -1.96 14.01 38.66
C ILE D 26 -1.44 15.02 39.68
N SER D 27 -0.63 15.96 39.21
CA SER D 27 -0.04 16.97 40.08
C SER D 27 -1.06 17.95 40.66
N SER D 28 -0.62 18.69 41.68
CA SER D 28 -1.48 19.66 42.36
C SER D 28 -2.00 20.74 41.42
N ASN D 29 -1.19 21.14 40.44
CA ASN D 29 -1.62 22.17 39.51
C ASN D 29 -2.46 21.61 38.36
N SER D 30 -3.08 20.45 38.63
CA SER D 30 -3.96 19.82 37.66
C SER D 30 -3.44 19.20 36.38
N VAL D 31 -2.18 18.74 36.36
CA VAL D 31 -1.65 18.13 35.14
C VAL D 31 -1.39 16.63 35.31
N LEU D 32 -1.51 15.90 34.21
CA LEU D 32 -1.28 14.47 34.21
C LEU D 32 0.20 14.22 33.92
N GLU D 33 0.91 13.68 34.90
CA GLU D 33 2.32 13.38 34.73
C GLU D 33 2.46 11.88 34.58
N LEU D 34 2.61 11.43 33.34
CA LEU D 34 2.72 10.02 33.03
C LEU D 34 3.95 9.39 33.70
N THR D 35 5.08 10.07 33.59
CA THR D 35 6.31 9.57 34.19
C THR D 35 6.71 10.37 35.44
N LYS D 36 7.24 9.64 36.41
CA LYS D 36 7.68 10.18 37.71
C LYS D 36 8.56 11.42 37.64
N VAL D 37 8.21 12.41 38.46
CA VAL D 37 8.96 13.66 38.55
C VAL D 37 9.06 14.08 40.03
N VAL D 38 10.22 13.82 40.63
CA VAL D 38 10.45 14.16 42.03
C VAL D 38 11.12 15.53 42.21
N ASN D 39 10.51 16.37 43.04
CA ASN D 39 11.04 17.69 43.29
C ASN D 39 11.26 18.48 42.01
N GLY D 40 10.38 18.27 41.04
CA GLY D 40 10.49 18.97 39.77
C GLY D 40 11.51 18.35 38.83
N VAL D 41 12.16 17.28 39.27
CA VAL D 41 13.17 16.62 38.46
C VAL D 41 12.67 15.25 37.98
N PRO D 42 12.64 15.04 36.65
CA PRO D 42 12.18 13.77 36.09
C PRO D 42 13.22 12.66 36.31
N THR D 43 12.78 11.52 36.82
CA THR D 43 13.70 10.40 37.08
C THR D 43 13.60 9.33 36.00
N TRP D 44 14.61 8.47 35.96
CA TRP D 44 14.68 7.39 34.99
C TRP D 44 13.87 6.20 35.50
N ASN D 45 13.97 5.07 34.80
CA ASN D 45 13.28 3.85 35.19
C ASN D 45 11.84 4.11 35.61
N SER D 46 11.16 5.00 34.88
CA SER D 46 9.78 5.35 35.17
C SER D 46 8.82 5.03 34.01
N THR D 47 7.72 4.36 34.32
CA THR D 47 6.71 3.99 33.33
C THR D 47 5.32 4.22 33.92
N GLY D 48 4.45 4.87 33.14
CA GLY D 48 3.10 5.12 33.61
C GLY D 48 2.09 5.23 32.50
N ARG D 49 0.86 4.81 32.78
CA ARG D 49 -0.21 4.85 31.80
C ARG D 49 -1.42 5.53 32.41
N ALA D 50 -2.39 5.86 31.57
CA ALA D 50 -3.62 6.51 32.01
C ALA D 50 -4.69 6.25 30.98
N LEU D 51 -5.63 5.38 31.33
CA LEU D 51 -6.71 5.04 30.42
C LEU D 51 -8.00 5.73 30.85
N TYR D 52 -8.94 5.83 29.92
CA TYR D 52 -10.24 6.41 30.21
C TYR D 52 -10.94 5.31 30.99
N ALA D 53 -11.64 5.68 32.05
CA ALA D 53 -12.34 4.71 32.90
C ALA D 53 -13.20 3.70 32.15
N LYS D 54 -14.14 4.21 31.35
CA LYS D 54 -15.04 3.33 30.60
C LYS D 54 -14.47 2.90 29.26
N PRO D 55 -14.74 1.64 28.86
CA PRO D 55 -14.24 1.17 27.57
C PRO D 55 -15.09 1.78 26.46
N VAL D 56 -14.56 1.83 25.25
CA VAL D 56 -15.29 2.39 24.13
C VAL D 56 -15.44 1.33 23.04
N GLN D 57 -16.62 1.28 22.43
CA GLN D 57 -16.87 0.32 21.37
C GLN D 57 -16.46 0.93 20.03
N VAL D 58 -15.38 0.43 19.44
CA VAL D 58 -14.90 0.95 18.16
C VAL D 58 -15.54 0.28 16.95
N TRP D 59 -16.26 -0.82 17.19
CA TRP D 59 -16.99 -1.49 16.12
C TRP D 59 -18.05 -2.46 16.63
N ASP D 60 -19.00 -2.79 15.77
CA ASP D 60 -20.12 -3.66 16.13
C ASP D 60 -20.18 -4.90 15.24
N SER D 61 -20.07 -6.07 15.86
CA SER D 61 -20.11 -7.34 15.14
C SER D 61 -21.49 -7.59 14.53
N THR D 62 -22.52 -7.05 15.17
CA THR D 62 -23.89 -7.20 14.69
C THR D 62 -24.09 -6.55 13.32
N THR D 63 -23.72 -5.28 13.22
CA THR D 63 -23.85 -4.53 11.98
C THR D 63 -22.60 -4.61 11.09
N GLY D 64 -21.43 -4.61 11.70
CA GLY D 64 -20.20 -4.65 10.93
C GLY D 64 -19.66 -3.25 10.74
N ASN D 65 -20.26 -2.29 11.42
CA ASN D 65 -19.87 -0.90 11.35
C ASN D 65 -18.66 -0.62 12.24
N VAL D 66 -17.82 0.31 11.82
CA VAL D 66 -16.63 0.70 12.56
C VAL D 66 -16.80 2.19 12.88
N ALA D 67 -16.34 2.60 14.05
CA ALA D 67 -16.48 4.00 14.43
C ALA D 67 -15.38 4.90 13.89
N SER D 68 -15.70 6.18 13.78
CA SER D 68 -14.76 7.20 13.34
C SER D 68 -14.56 7.98 14.62
N PHE D 69 -13.36 8.51 14.84
CA PHE D 69 -13.16 9.25 16.06
C PHE D 69 -12.15 10.38 15.89
N GLU D 70 -12.14 11.28 16.85
CA GLU D 70 -11.22 12.39 16.83
C GLU D 70 -10.81 12.60 18.27
N THR D 71 -9.54 12.87 18.48
CA THR D 71 -9.06 13.13 19.81
C THR D 71 -8.01 14.22 19.70
N ARG D 72 -8.04 15.12 20.68
CA ARG D 72 -7.10 16.22 20.72
C ARG D 72 -6.52 16.30 22.12
N PHE D 73 -5.27 16.71 22.20
CA PHE D 73 -4.64 16.86 23.49
C PHE D 73 -3.38 17.69 23.37
N SER D 74 -2.97 18.23 24.51
CA SER D 74 -1.78 19.05 24.57
C SER D 74 -0.83 18.33 25.53
N PHE D 75 0.45 18.32 25.19
CA PHE D 75 1.41 17.68 26.06
C PHE D 75 2.63 18.55 26.12
N SER D 76 3.50 18.23 27.05
CA SER D 76 4.73 18.97 27.20
C SER D 76 5.78 17.98 27.64
N ILE D 77 6.96 18.09 27.06
CA ILE D 77 8.07 17.22 27.40
C ILE D 77 9.25 18.11 27.69
N ARG D 78 9.72 18.09 28.94
CA ARG D 78 10.87 18.91 29.28
C ARG D 78 12.10 18.00 29.35
N GLN D 79 13.13 18.38 28.62
CA GLN D 79 14.37 17.63 28.59
C GLN D 79 15.47 18.41 29.28
N PRO D 80 15.59 18.24 30.61
CA PRO D 80 16.59 18.93 31.44
C PRO D 80 18.03 18.57 31.03
N PHE D 81 18.27 17.26 30.89
CA PHE D 81 19.59 16.74 30.54
C PHE D 81 19.71 16.44 29.05
N PRO D 82 20.40 17.31 28.31
CA PRO D 82 20.60 17.14 26.87
C PRO D 82 21.84 16.33 26.48
N ARG D 83 22.85 16.34 27.34
CA ARG D 83 24.11 15.65 27.06
C ARG D 83 24.07 14.16 26.74
N PRO D 84 23.54 13.34 27.67
CA PRO D 84 23.50 11.90 27.33
C PRO D 84 22.56 11.68 26.17
N HIS D 85 21.27 11.59 26.48
CA HIS D 85 20.22 11.40 25.49
C HIS D 85 18.89 11.16 26.21
N PRO D 86 17.93 12.08 26.02
CA PRO D 86 16.62 11.94 26.66
C PRO D 86 15.92 10.67 26.20
N ALA D 87 14.93 10.23 26.96
CA ALA D 87 14.18 9.02 26.61
C ALA D 87 13.00 8.89 27.58
N ASP D 88 11.95 8.16 27.18
CA ASP D 88 11.85 7.51 25.89
C ASP D 88 10.84 8.15 24.95
N GLY D 89 9.75 8.66 25.53
CA GLY D 89 8.71 9.30 24.74
C GLY D 89 7.36 8.90 25.28
N LEU D 90 6.30 9.35 24.62
CA LEU D 90 4.95 9.03 25.06
C LEU D 90 4.08 8.63 23.89
N VAL D 91 3.00 7.92 24.18
CA VAL D 91 2.10 7.49 23.12
C VAL D 91 0.65 7.61 23.52
N PHE D 92 -0.20 7.74 22.51
CA PHE D 92 -1.64 7.76 22.69
C PHE D 92 -1.90 6.37 22.13
N PHE D 93 -2.72 5.55 22.79
CA PHE D 93 -2.96 4.22 22.27
C PHE D 93 -4.36 3.67 22.50
N ILE D 94 -4.66 2.61 21.76
CA ILE D 94 -5.94 1.94 21.84
C ILE D 94 -5.58 0.46 21.97
N ALA D 95 -6.02 -0.17 23.06
CA ALA D 95 -5.73 -1.58 23.29
C ALA D 95 -6.93 -2.27 23.91
N PRO D 96 -6.88 -3.61 24.00
CA PRO D 96 -8.03 -4.30 24.59
C PRO D 96 -8.23 -3.85 26.03
N PRO D 97 -9.47 -3.93 26.53
CA PRO D 97 -9.74 -3.51 27.91
C PRO D 97 -9.12 -4.44 28.96
N ASN D 98 -8.75 -3.87 30.11
CA ASN D 98 -8.17 -4.62 31.22
C ASN D 98 -6.80 -5.25 30.96
N THR D 99 -5.88 -4.48 30.37
CA THR D 99 -4.53 -4.97 30.09
C THR D 99 -3.57 -4.27 31.04
N GLN D 100 -2.47 -4.94 31.36
CA GLN D 100 -1.49 -4.36 32.27
C GLN D 100 -0.38 -3.66 31.49
N THR D 101 0.41 -2.86 32.21
CA THR D 101 1.51 -2.12 31.61
C THR D 101 2.55 -3.09 31.07
N GLY D 102 3.06 -2.80 29.87
CA GLY D 102 4.06 -3.65 29.27
C GLY D 102 5.44 -3.17 29.66
N GLU D 103 6.43 -3.56 28.87
CA GLU D 103 7.82 -3.20 29.10
C GLU D 103 7.97 -1.67 29.00
N GLY D 104 8.90 -1.12 29.78
CA GLY D 104 9.14 0.31 29.72
C GLY D 104 10.17 0.58 28.64
N GLY D 105 10.96 1.63 28.83
CA GLY D 105 11.97 1.96 27.83
C GLY D 105 11.40 2.29 26.47
N GLY D 106 12.03 1.77 25.43
CA GLY D 106 11.58 2.04 24.07
C GLY D 106 10.24 1.42 23.73
N TYR D 107 9.72 0.61 24.65
CA TYR D 107 8.43 -0.03 24.46
C TYR D 107 7.29 0.81 25.05
N PHE D 108 7.65 2.00 25.52
CA PHE D 108 6.71 2.99 26.06
C PHE D 108 5.71 2.51 27.12
N GLY D 109 5.79 1.25 27.50
CA GLY D 109 4.86 0.72 28.49
C GLY D 109 3.63 0.08 27.87
N ILE D 110 3.61 -0.04 26.55
CA ILE D 110 2.46 -0.64 25.85
C ILE D 110 2.76 -2.00 25.22
N TYR D 111 4.02 -2.26 24.91
CA TYR D 111 4.39 -3.52 24.29
C TYR D 111 5.09 -4.49 25.24
N ASN D 112 4.62 -5.73 25.25
CA ASN D 112 5.23 -6.76 26.06
C ASN D 112 5.55 -7.97 25.18
N PRO D 113 6.85 -8.20 24.90
CA PRO D 113 7.35 -9.30 24.06
C PRO D 113 6.94 -10.70 24.51
N LEU D 114 6.88 -10.92 25.83
CA LEU D 114 6.52 -12.23 26.37
C LEU D 114 5.07 -12.57 26.04
N SER D 115 4.17 -11.61 26.26
CA SER D 115 2.76 -11.81 25.98
C SER D 115 2.18 -10.55 25.36
N PRO D 116 2.32 -10.42 24.04
CA PRO D 116 1.81 -9.25 23.31
C PRO D 116 0.29 -9.22 23.13
N TYR D 117 -0.29 -8.04 23.36
CA TYR D 117 -1.72 -7.85 23.13
C TYR D 117 -1.79 -6.82 22.02
N PRO D 118 -2.79 -6.93 21.12
CA PRO D 118 -2.95 -6.01 20.01
C PRO D 118 -3.14 -4.57 20.45
N PHE D 119 -2.67 -3.63 19.63
CA PHE D 119 -2.81 -2.22 19.96
C PHE D 119 -2.48 -1.32 18.76
N VAL D 120 -3.06 -0.13 18.74
CA VAL D 120 -2.79 0.85 17.69
C VAL D 120 -2.30 2.02 18.51
N ALA D 121 -1.23 2.68 18.09
CA ALA D 121 -0.72 3.78 18.88
C ALA D 121 0.00 4.83 18.06
N VAL D 122 -0.08 6.08 18.51
CA VAL D 122 0.63 7.16 17.85
C VAL D 122 1.72 7.51 18.86
N GLU D 123 2.96 7.39 18.44
CA GLU D 123 4.05 7.66 19.34
C GLU D 123 4.76 8.95 19.03
N PHE D 124 5.38 9.49 20.08
CA PHE D 124 6.15 10.70 20.02
C PHE D 124 7.43 10.20 20.65
N ASP D 125 8.27 9.65 19.79
CA ASP D 125 9.53 9.04 20.15
C ASP D 125 10.70 10.00 20.26
N THR D 126 11.38 9.97 21.41
CA THR D 126 12.52 10.85 21.70
C THR D 126 13.85 10.13 21.77
N PHE D 127 13.82 8.81 21.96
CA PHE D 127 15.06 8.04 22.04
C PHE D 127 15.21 7.14 20.81
N ARG D 128 16.38 7.12 20.20
CA ARG D 128 16.56 6.28 19.03
C ARG D 128 17.01 4.86 19.37
N ASN D 129 16.06 3.93 19.27
CA ASN D 129 16.35 2.52 19.53
C ASN D 129 16.92 1.90 18.25
N THR D 130 17.23 0.61 18.28
CA THR D 130 17.80 -0.06 17.10
C THR D 130 16.86 -0.13 15.90
N TRP D 131 15.56 -0.11 16.16
CA TRP D 131 14.55 -0.19 15.11
C TRP D 131 14.01 1.17 14.67
N ASP D 132 14.65 2.24 15.12
CA ASP D 132 14.20 3.60 14.80
C ASP D 132 15.03 4.42 13.83
N PRO D 133 14.37 5.41 13.22
CA PRO D 133 15.02 6.33 12.29
C PRO D 133 15.48 7.47 13.20
N GLN D 134 15.88 8.59 12.66
CA GLN D 134 16.31 9.73 13.48
C GLN D 134 15.20 10.18 14.46
N ILE D 135 15.60 10.60 15.65
CA ILE D 135 14.63 11.09 16.63
C ILE D 135 14.77 12.62 16.76
N PRO D 136 13.70 13.31 17.21
CA PRO D 136 12.42 12.71 17.57
C PRO D 136 11.63 12.46 16.30
N HIS D 137 10.53 11.74 16.42
CA HIS D 137 9.68 11.49 15.28
C HIS D 137 8.31 11.06 15.74
N ILE D 138 7.32 11.29 14.89
CA ILE D 138 5.98 10.85 15.19
C ILE D 138 5.96 9.53 14.45
N GLY D 139 5.28 8.54 15.02
CA GLY D 139 5.22 7.26 14.36
C GLY D 139 3.85 6.68 14.59
N ILE D 140 3.39 5.85 13.65
CA ILE D 140 2.11 5.19 13.77
C ILE D 140 2.46 3.75 14.02
N ASP D 141 1.99 3.20 15.15
CA ASP D 141 2.31 1.84 15.53
C ASP D 141 1.13 0.88 15.56
N VAL D 142 1.31 -0.27 14.91
CA VAL D 142 0.25 -1.25 14.90
C VAL D 142 0.85 -2.57 15.42
N ASN D 143 0.45 -2.94 16.63
CA ASN D 143 0.88 -4.17 17.29
C ASN D 143 2.37 -4.28 17.61
N SER D 144 3.14 -3.24 17.32
CA SER D 144 4.55 -3.24 17.64
C SER D 144 5.01 -1.80 17.67
N VAL D 145 6.24 -1.62 18.14
CA VAL D 145 6.84 -0.30 18.26
C VAL D 145 7.65 0.04 17.01
N ILE D 146 7.66 -0.87 16.04
CA ILE D 146 8.35 -0.63 14.78
C ILE D 146 7.28 -0.01 13.87
N SER D 147 7.24 1.31 13.88
CA SER D 147 6.26 2.09 13.12
C SER D 147 6.06 1.73 11.65
N THR D 148 4.82 1.89 11.19
CA THR D 148 4.50 1.63 9.79
C THR D 148 4.91 2.88 9.02
N LYS D 149 4.71 4.03 9.65
CA LYS D 149 5.07 5.31 9.04
C LYS D 149 5.70 6.18 10.11
N THR D 150 6.64 7.02 9.69
CA THR D 150 7.37 7.88 10.59
C THR D 150 7.67 9.23 9.97
N VAL D 151 7.64 10.29 10.78
CA VAL D 151 7.98 11.63 10.33
C VAL D 151 8.76 12.31 11.47
N PRO D 152 9.88 12.97 11.13
CA PRO D 152 10.66 13.62 12.20
C PRO D 152 10.09 14.99 12.58
N PHE D 153 10.42 15.44 13.79
CA PHE D 153 9.97 16.74 14.26
C PHE D 153 10.94 17.30 15.27
N THR D 154 11.06 18.62 15.31
CA THR D 154 11.94 19.28 16.25
C THR D 154 11.13 19.66 17.48
N LEU D 155 11.52 19.12 18.62
CA LEU D 155 10.83 19.38 19.88
C LEU D 155 11.00 20.80 20.41
N ASP D 156 9.93 21.31 21.02
CA ASP D 156 9.96 22.62 21.65
C ASP D 156 10.19 22.24 23.11
N ASN D 157 11.45 22.17 23.49
CA ASN D 157 11.82 21.77 24.85
C ASN D 157 11.02 22.50 25.91
N GLY D 158 10.23 21.73 26.66
CA GLY D 158 9.44 22.31 27.73
C GLY D 158 8.18 23.05 27.27
N GLY D 159 8.10 23.36 25.98
CA GLY D 159 6.94 24.06 25.46
C GLY D 159 5.68 23.21 25.41
N ILE D 160 4.61 23.77 24.85
CA ILE D 160 3.35 23.06 24.73
C ILE D 160 3.14 22.56 23.29
N ALA D 161 2.66 21.34 23.17
CA ALA D 161 2.42 20.77 21.86
C ALA D 161 0.92 20.48 21.73
N ASN D 162 0.38 20.75 20.56
CA ASN D 162 -1.03 20.49 20.33
C ASN D 162 -1.12 19.36 19.31
N VAL D 163 -1.81 18.30 19.69
CA VAL D 163 -1.96 17.16 18.80
C VAL D 163 -3.41 16.93 18.43
N VAL D 164 -3.62 16.56 17.17
CA VAL D 164 -4.95 16.25 16.69
C VAL D 164 -4.86 14.92 15.96
N ILE D 165 -5.57 13.91 16.46
CA ILE D 165 -5.58 12.61 15.82
C ILE D 165 -7.00 12.36 15.34
N LYS D 166 -7.15 12.01 14.08
CA LYS D 166 -8.47 11.77 13.52
C LYS D 166 -8.52 10.43 12.76
N TYR D 167 -9.59 9.67 12.96
CA TYR D 167 -9.74 8.40 12.27
C TYR D 167 -11.04 8.38 11.47
N ASP D 168 -10.90 8.19 10.15
CA ASP D 168 -12.04 8.14 9.24
C ASP D 168 -12.33 6.68 8.84
N ALA D 169 -13.36 6.09 9.44
CA ALA D 169 -13.71 4.70 9.16
C ALA D 169 -13.96 4.35 7.68
N SER D 170 -14.54 5.28 6.92
CA SER D 170 -14.83 5.00 5.51
C SER D 170 -13.58 4.91 4.64
N THR D 171 -12.50 5.55 5.07
CA THR D 171 -11.26 5.52 4.30
C THR D 171 -10.15 4.79 5.04
N LYS D 172 -10.40 4.46 6.30
CA LYS D 172 -9.42 3.76 7.13
C LYS D 172 -8.17 4.61 7.34
N ILE D 173 -8.26 5.90 7.01
CA ILE D 173 -7.12 6.79 7.19
C ILE D 173 -7.00 7.29 8.61
N LEU D 174 -5.83 7.10 9.20
CA LEU D 174 -5.56 7.61 10.54
C LEU D 174 -4.59 8.76 10.26
N HIS D 175 -4.99 9.98 10.58
CA HIS D 175 -4.12 11.13 10.36
C HIS D 175 -3.88 11.95 11.61
N VAL D 176 -2.61 12.23 11.87
CA VAL D 176 -2.22 12.98 13.05
C VAL D 176 -1.48 14.26 12.70
N VAL D 177 -1.81 15.32 13.42
CA VAL D 177 -1.22 16.63 13.23
C VAL D 177 -0.54 17.06 14.51
N LEU D 178 0.70 17.51 14.39
CA LEU D 178 1.46 17.97 15.55
C LEU D 178 1.78 19.45 15.32
N VAL D 179 1.52 20.26 16.33
CA VAL D 179 1.77 21.69 16.22
C VAL D 179 2.38 22.26 17.50
N PHE D 180 3.40 23.08 17.33
CA PHE D 180 4.05 23.74 18.47
C PHE D 180 3.70 25.22 18.29
N PRO D 181 2.60 25.66 18.91
CA PRO D 181 2.17 27.05 18.80
C PRO D 181 3.25 28.12 19.01
N SER D 182 4.16 27.89 19.97
CA SER D 182 5.22 28.87 20.20
C SER D 182 6.21 28.99 19.06
N LEU D 183 6.37 27.93 18.27
CA LEU D 183 7.29 27.94 17.13
C LEU D 183 6.54 28.09 15.80
N GLY D 184 5.26 27.75 15.81
CA GLY D 184 4.48 27.84 14.59
C GLY D 184 4.80 26.71 13.63
N THR D 185 5.36 25.64 14.17
CA THR D 185 5.71 24.49 13.35
C THR D 185 4.57 23.49 13.28
N ILE D 186 4.36 22.94 12.09
CA ILE D 186 3.30 21.98 11.87
C ILE D 186 3.87 20.71 11.28
N TYR D 187 3.53 19.58 11.89
CA TYR D 187 3.98 18.27 11.43
C TYR D 187 2.75 17.42 11.16
N THR D 188 2.75 16.73 10.04
CA THR D 188 1.60 15.90 9.67
C THR D 188 2.01 14.50 9.20
N ILE D 189 1.21 13.52 9.57
CA ILE D 189 1.48 12.15 9.19
C ILE D 189 0.17 11.37 9.09
N ALA D 190 0.11 10.39 8.21
CA ALA D 190 -1.09 9.61 8.02
C ALA D 190 -0.78 8.24 7.45
N ASP D 191 -1.66 7.28 7.74
CA ASP D 191 -1.51 5.93 7.23
C ASP D 191 -2.85 5.23 7.26
N ILE D 192 -2.96 4.13 6.53
CA ILE D 192 -4.19 3.36 6.47
C ILE D 192 -4.17 2.28 7.54
N VAL D 193 -5.15 2.32 8.43
CA VAL D 193 -5.25 1.34 9.52
C VAL D 193 -6.66 0.76 9.60
N ASP D 194 -6.75 -0.56 9.55
CA ASP D 194 -8.03 -1.24 9.63
C ASP D 194 -8.24 -1.66 11.09
N LEU D 195 -8.89 -0.80 11.87
CA LEU D 195 -9.13 -1.08 13.29
C LEU D 195 -9.87 -2.38 13.55
N LYS D 196 -10.82 -2.69 12.68
CA LYS D 196 -11.65 -3.88 12.76
C LYS D 196 -10.82 -5.15 12.56
N GLN D 197 -9.66 -4.99 11.96
CA GLN D 197 -8.76 -6.10 11.68
C GLN D 197 -7.79 -6.36 12.83
N VAL D 198 -7.50 -5.31 13.60
CA VAL D 198 -6.55 -5.43 14.70
C VAL D 198 -7.09 -5.36 16.13
N LEU D 199 -8.25 -4.75 16.31
CA LEU D 199 -8.78 -4.62 17.65
C LEU D 199 -10.15 -5.24 17.86
N PRO D 200 -10.47 -5.57 19.12
CA PRO D 200 -11.75 -6.17 19.50
C PRO D 200 -12.82 -5.06 19.58
N GLU D 201 -14.10 -5.42 19.45
CA GLU D 201 -15.21 -4.46 19.51
C GLU D 201 -15.06 -3.36 20.55
N SER D 202 -14.69 -3.74 21.77
CA SER D 202 -14.52 -2.75 22.85
C SER D 202 -13.06 -2.60 23.24
N VAL D 203 -12.64 -1.36 23.43
CA VAL D 203 -11.27 -1.05 23.77
C VAL D 203 -11.14 0.04 24.82
N ASN D 204 -9.91 0.30 25.23
CA ASN D 204 -9.56 1.34 26.18
C ASN D 204 -8.67 2.31 25.42
N VAL D 205 -8.87 3.60 25.63
CA VAL D 205 -8.02 4.60 24.97
C VAL D 205 -7.28 5.34 26.07
N GLY D 206 -6.06 5.73 25.79
CA GLY D 206 -5.29 6.43 26.81
C GLY D 206 -3.89 6.81 26.39
N PHE D 207 -3.05 7.06 27.39
CA PHE D 207 -1.67 7.44 27.14
C PHE D 207 -0.73 6.58 27.96
N SER D 208 0.51 6.48 27.51
CA SER D 208 1.53 5.72 28.20
C SER D 208 2.81 6.43 27.86
N ALA D 209 3.75 6.41 28.78
CA ALA D 209 5.04 7.06 28.59
C ALA D 209 6.08 6.30 29.38
N ALA D 210 7.34 6.56 29.08
CA ALA D 210 8.41 5.87 29.78
C ALA D 210 9.69 6.68 29.69
N THR D 211 10.56 6.53 30.69
CA THR D 211 11.84 7.23 30.73
C THR D 211 12.94 6.17 30.63
N GLY D 212 14.19 6.63 30.49
CA GLY D 212 15.32 5.73 30.37
C GLY D 212 15.29 4.45 31.18
N ASP D 213 15.52 3.33 30.50
CA ASP D 213 15.53 2.02 31.15
C ASP D 213 16.86 1.83 31.88
N PRO D 214 16.84 1.15 33.04
CA PRO D 214 18.07 0.91 33.82
C PRO D 214 19.22 0.33 33.00
N SER D 215 18.93 -0.67 32.19
CA SER D 215 19.94 -1.32 31.36
C SER D 215 20.74 -0.34 30.49
N GLY D 216 20.25 0.89 30.37
CA GLY D 216 20.94 1.89 29.59
C GLY D 216 22.07 2.50 30.39
N LYS D 217 22.01 2.32 31.71
CA LYS D 217 23.02 2.83 32.63
C LYS D 217 23.23 4.32 32.47
N GLN D 218 22.14 5.08 32.55
CA GLN D 218 22.17 6.52 32.43
C GLN D 218 20.97 7.10 33.17
N ARG D 219 21.24 7.86 34.23
CA ARG D 219 20.16 8.47 35.00
C ARG D 219 19.72 9.78 34.37
N ASN D 220 20.44 10.20 33.32
CA ASN D 220 20.15 11.43 32.60
C ASN D 220 19.19 11.15 31.44
N ALA D 221 19.03 9.88 31.10
CA ALA D 221 18.13 9.45 30.02
C ALA D 221 16.70 9.59 30.51
N THR D 222 16.26 10.84 30.66
CA THR D 222 14.92 11.09 31.14
C THR D 222 14.38 12.42 30.64
N GLU D 223 13.10 12.64 30.92
CA GLU D 223 12.39 13.84 30.52
C GLU D 223 11.01 13.73 31.16
N THR D 224 10.19 14.75 30.99
CA THR D 224 8.84 14.69 31.53
C THR D 224 7.88 14.35 30.40
N HIS D 225 6.75 13.76 30.75
CA HIS D 225 5.73 13.40 29.78
C HIS D 225 4.40 13.80 30.40
N ASP D 226 4.08 15.09 30.32
CA ASP D 226 2.85 15.62 30.89
C ASP D 226 1.77 15.86 29.86
N ILE D 227 0.55 15.44 30.19
CA ILE D 227 -0.60 15.63 29.33
C ILE D 227 -1.41 16.77 29.97
N LEU D 228 -1.41 17.93 29.33
CA LEU D 228 -2.13 19.10 29.83
C LEU D 228 -3.64 19.01 29.69
N SER D 229 -4.13 18.82 28.47
CA SER D 229 -5.58 18.70 28.23
C SER D 229 -5.85 17.50 27.32
N TRP D 230 -7.12 17.11 27.22
CA TRP D 230 -7.48 15.96 26.40
C TRP D 230 -8.98 15.81 26.16
N SER D 231 -9.38 15.81 24.88
CA SER D 231 -10.78 15.64 24.50
C SER D 231 -10.88 14.48 23.54
N PHE D 232 -12.03 13.80 23.56
CA PHE D 232 -12.23 12.63 22.71
C PHE D 232 -13.68 12.57 22.27
N SER D 233 -13.91 11.98 21.10
CA SER D 233 -15.25 11.82 20.58
C SER D 233 -15.25 10.75 19.50
N ALA D 234 -16.18 9.81 19.61
CA ALA D 234 -16.31 8.73 18.65
C ALA D 234 -17.77 8.50 18.34
N SER D 235 -18.05 8.01 17.14
CA SER D 235 -19.42 7.75 16.75
C SER D 235 -19.51 6.48 15.91
N LEU D 236 -20.31 5.54 16.38
CA LEU D 236 -20.52 4.28 15.68
C LEU D 236 -21.85 4.41 14.94
N PRO D 237 -21.80 4.60 13.60
CA PRO D 237 -23.01 4.76 12.79
C PRO D 237 -24.12 3.72 13.02
N GLY D 238 -23.79 2.64 13.72
CA GLY D 238 -24.78 1.61 14.00
C GLY D 238 -25.83 2.04 15.01
#